data_9MKY
#
_entry.id   9MKY
#
loop_
_entity.id
_entity.type
_entity.pdbx_description
1 polymer 'Acid-sensing ion channel 5'
2 non-polymer 2-acetamido-2-deoxy-beta-D-glucopyranose
#
_entity_poly.entity_id   1
_entity_poly.type   'polypeptide(L)'
_entity_poly.pdbx_seq_one_letter_code
;MEQTEKSKVYAENGLLEKIKLCLSKKPLPSPTERKKFDHDFAISTSFHGIHNIVQNRSKIRRVLWLVVVLGSVSLVTWQI
YIRLLNYFTWPTTTSIEVQYVEKMEFPAVTFCNLNRFQTDAVAKFGVIFFLWHIVSKVLHLQEITANSTGSREATDFAAS
HQNFSIVEFIRNKGFYLNNSTLLDCEFFGKPCSPKDFAHVFTEYGNCFTFNHGETLQAKRKVSVSGRGLSLLFNVNQEAF
TDNPALGFVDAGIIFVIHSPKKVPQFDGLGLLSPVGMHARVTIRQVKTVHQEYPWGECNPNIKLQNFSSYSTSGCLKECK
AQHIKKQCGCVPFLLPGYGIECDLQKYFSCVSPVLDHIEFKDLCTVGTHNSSCPVSCEEIEYPATISYSSFPSQKALKYL
SKKLNQSRKYIRENLVKIEINYSDLNYKITQQQKAVSVSELLADLGGQLGLFCGASLITIIEIIEYLFTNFYWICIFFLL
KISEMTQWTPPPQNHLGNKNRIEEC
;
_entity_poly.pdbx_strand_id   C,A,B
#
# COMPACT_ATOMS: atom_id res chain seq x y z
N ASP A 40 -15.07 29.71 58.44
CA ASP A 40 -16.00 28.60 58.58
C ASP A 40 -15.76 27.56 57.49
N PHE A 41 -16.48 27.67 56.38
CA PHE A 41 -16.30 26.72 55.29
C PHE A 41 -14.90 26.82 54.69
N ALA A 42 -14.28 28.00 54.76
CA ALA A 42 -12.93 28.17 54.22
C ALA A 42 -11.94 27.27 54.93
N ILE A 43 -12.03 27.20 56.27
CA ILE A 43 -11.11 26.37 57.03
C ILE A 43 -11.38 24.88 56.83
N SER A 44 -12.57 24.52 56.37
CA SER A 44 -12.94 23.11 56.17
C SER A 44 -12.84 22.68 54.72
N THR A 45 -13.24 23.52 53.78
CA THR A 45 -13.21 23.15 52.37
C THR A 45 -11.78 22.91 51.91
N SER A 46 -11.63 21.94 51.01
CA SER A 46 -10.34 21.64 50.41
C SER A 46 -10.07 22.47 49.16
N PHE A 47 -11.05 23.24 48.71
CA PHE A 47 -10.85 24.15 47.57
C PHE A 47 -9.78 25.17 47.95
N HIS A 48 -8.63 25.12 47.29
CA HIS A 48 -7.51 25.95 47.67
C HIS A 48 -7.83 27.42 47.45
N GLY A 49 -7.10 28.27 48.15
CA GLY A 49 -7.24 29.71 47.99
C GLY A 49 -8.23 30.33 48.96
N ILE A 50 -9.41 29.73 49.06
CA ILE A 50 -10.47 30.32 49.89
C ILE A 50 -10.01 30.41 51.34
N HIS A 51 -9.14 29.49 51.77
CA HIS A 51 -8.67 29.49 53.14
C HIS A 51 -7.92 30.79 53.45
N ASN A 52 -7.18 31.30 52.47
CA ASN A 52 -6.46 32.57 52.64
C ASN A 52 -7.43 33.74 52.75
N ILE A 53 -8.57 33.66 52.06
CA ILE A 53 -9.51 34.76 52.02
C ILE A 53 -9.96 35.10 53.44
N VAL A 54 -10.34 34.09 54.21
CA VAL A 54 -10.88 34.29 55.55
C VAL A 54 -9.72 34.34 56.55
N GLN A 55 -8.84 33.35 56.49
CA GLN A 55 -7.73 33.25 57.45
C GLN A 55 -6.91 34.53 57.48
N ASN A 56 -6.45 34.97 56.31
CA ASN A 56 -5.70 36.22 56.22
C ASN A 56 -6.65 37.35 55.86
N ARG A 57 -6.84 38.28 56.80
CA ARG A 57 -7.78 39.39 56.64
C ARG A 57 -7.10 40.68 56.21
N SER A 58 -5.81 40.63 55.87
CA SER A 58 -5.14 41.81 55.36
C SER A 58 -5.79 42.27 54.07
N LYS A 59 -5.96 43.58 53.92
CA LYS A 59 -6.70 44.12 52.79
C LYS A 59 -6.12 43.65 51.47
N ILE A 60 -4.79 43.74 51.33
CA ILE A 60 -4.13 43.36 50.09
C ILE A 60 -4.31 41.86 49.85
N ARG A 61 -4.07 41.05 50.87
CA ARG A 61 -4.16 39.60 50.71
C ARG A 61 -5.61 39.13 50.67
N ARG A 62 -6.45 39.67 51.56
CA ARG A 62 -7.85 39.27 51.65
C ARG A 62 -8.54 39.46 50.31
N VAL A 63 -8.15 40.49 49.56
CA VAL A 63 -8.74 40.76 48.25
C VAL A 63 -7.98 40.05 47.13
N LEU A 64 -6.65 40.04 47.19
CA LEU A 64 -5.86 39.44 46.12
C LEU A 64 -6.13 37.95 46.00
N TRP A 65 -6.15 37.26 47.14
CA TRP A 65 -6.31 35.81 47.13
C TRP A 65 -7.61 35.39 46.45
N LEU A 66 -8.70 36.09 46.75
CA LEU A 66 -9.97 35.81 46.09
C LEU A 66 -9.86 36.00 44.59
N VAL A 67 -9.12 37.02 44.15
CA VAL A 67 -8.95 37.26 42.72
C VAL A 67 -8.28 36.08 42.05
N VAL A 68 -7.23 35.53 42.66
CA VAL A 68 -6.59 34.33 42.11
C VAL A 68 -7.53 33.15 42.11
N VAL A 69 -8.34 33.01 43.17
CA VAL A 69 -9.33 31.95 43.25
C VAL A 69 -10.28 32.08 42.07
N LEU A 70 -10.78 33.30 41.85
CA LEU A 70 -11.70 33.52 40.73
C LEU A 70 -11.02 33.26 39.40
N GLY A 71 -9.78 33.72 39.25
CA GLY A 71 -9.05 33.54 38.01
C GLY A 71 -8.86 32.08 37.64
N SER A 72 -8.34 31.28 38.57
CA SER A 72 -8.14 29.87 38.32
C SER A 72 -9.45 29.11 38.15
N VAL A 73 -10.48 29.46 38.93
CA VAL A 73 -11.75 28.76 38.84
C VAL A 73 -12.32 28.89 37.43
N SER A 74 -12.31 30.10 36.88
CA SER A 74 -12.76 30.30 35.51
C SER A 74 -11.88 29.55 34.50
N LEU A 75 -10.58 29.43 34.78
CA LEU A 75 -9.70 28.65 33.92
C LEU A 75 -10.09 27.18 33.94
N VAL A 76 -10.49 26.66 35.09
CA VAL A 76 -10.91 25.26 35.18
C VAL A 76 -12.07 24.99 34.24
N THR A 77 -13.08 25.86 34.27
CA THR A 77 -14.26 25.65 33.45
C THR A 77 -13.92 25.63 31.97
N TRP A 78 -13.06 26.56 31.54
CA TRP A 78 -12.66 26.59 30.14
C TRP A 78 -11.90 25.31 29.77
N GLN A 79 -10.95 24.89 30.60
CA GLN A 79 -10.17 23.71 30.29
C GLN A 79 -11.03 22.45 30.30
N ILE A 80 -11.86 22.28 31.34
CA ILE A 80 -12.75 21.13 31.38
C ILE A 80 -13.71 21.16 30.20
N TYR A 81 -14.22 22.34 29.86
CA TYR A 81 -15.12 22.46 28.71
C TYR A 81 -14.42 21.99 27.44
N ILE A 82 -13.17 22.38 27.25
CA ILE A 82 -12.42 21.92 26.08
C ILE A 82 -12.26 20.40 26.11
N ARG A 83 -11.94 19.86 27.28
CA ARG A 83 -11.76 18.41 27.40
C ARG A 83 -13.05 17.67 27.05
N LEU A 84 -14.16 18.06 27.67
CA LEU A 84 -15.43 17.40 27.37
C LEU A 84 -15.83 17.62 25.92
N LEU A 85 -15.62 18.83 25.40
CA LEU A 85 -15.94 19.10 24.00
C LEU A 85 -15.14 18.20 23.08
N ASN A 86 -13.85 18.03 23.36
CA ASN A 86 -13.03 17.18 22.51
C ASN A 86 -13.45 15.71 22.63
N TYR A 87 -13.86 15.27 23.82
CA TYR A 87 -14.25 13.88 24.00
C TYR A 87 -15.43 13.53 23.11
N PHE A 88 -16.43 14.41 23.04
CA PHE A 88 -17.65 14.09 22.32
C PHE A 88 -17.46 14.08 20.81
N THR A 89 -16.30 14.51 20.30
CA THR A 89 -16.01 14.36 18.89
C THR A 89 -15.74 12.91 18.52
N TRP A 90 -15.59 12.01 19.50
CA TRP A 90 -15.36 10.60 19.25
C TRP A 90 -14.04 10.40 18.49
N PRO A 91 -12.92 10.87 19.04
CA PRO A 91 -11.65 10.67 18.36
C PRO A 91 -11.23 9.21 18.38
N THR A 92 -10.33 8.87 17.44
CA THR A 92 -9.84 7.51 17.32
C THR A 92 -8.39 7.53 16.88
N THR A 93 -7.69 6.45 17.18
CA THR A 93 -6.32 6.23 16.74
C THR A 93 -6.21 4.81 16.21
N THR A 94 -5.25 4.59 15.32
CA THR A 94 -5.12 3.32 14.63
C THR A 94 -3.82 2.63 15.01
N SER A 95 -3.85 1.30 14.97
CA SER A 95 -2.68 0.45 15.21
C SER A 95 -2.47 -0.44 14.00
N ILE A 96 -1.20 -0.58 13.60
CA ILE A 96 -0.81 -1.34 12.42
C ILE A 96 0.14 -2.43 12.85
N GLU A 97 -0.16 -3.66 12.45
CA GLU A 97 0.68 -4.82 12.73
C GLU A 97 0.99 -5.55 11.43
N VAL A 98 2.26 -5.89 11.22
CA VAL A 98 2.69 -6.63 10.05
C VAL A 98 3.59 -7.77 10.53
N GLN A 99 3.38 -8.96 9.97
CA GLN A 99 4.07 -10.14 10.46
C GLN A 99 4.08 -11.22 9.40
N TYR A 100 4.98 -12.18 9.57
CA TYR A 100 4.99 -13.39 8.75
C TYR A 100 4.13 -14.45 9.42
N VAL A 101 3.27 -15.10 8.63
CA VAL A 101 2.45 -16.21 9.10
C VAL A 101 2.90 -17.43 8.31
N GLU A 102 3.64 -18.33 8.97
CA GLU A 102 4.19 -19.49 8.28
C GLU A 102 3.09 -20.34 7.66
N LYS A 103 2.10 -20.71 8.46
CA LYS A 103 0.97 -21.50 7.99
C LYS A 103 -0.28 -20.65 8.10
N MET A 104 -0.86 -20.32 6.94
CA MET A 104 -1.96 -19.36 6.87
C MET A 104 -2.96 -19.83 5.84
N GLU A 105 -4.20 -19.38 5.98
CA GLU A 105 -5.29 -19.86 5.13
C GLU A 105 -5.25 -19.17 3.78
N PHE A 106 -5.00 -19.93 2.73
CA PHE A 106 -5.02 -19.39 1.39
C PHE A 106 -6.43 -18.96 1.02
N PRO A 107 -6.60 -17.83 0.32
CA PRO A 107 -7.94 -17.39 -0.04
C PRO A 107 -8.54 -18.23 -1.17
N ALA A 108 -9.74 -17.87 -1.62
CA ALA A 108 -10.39 -18.52 -2.74
C ALA A 108 -10.22 -17.68 -3.98
N VAL A 109 -10.04 -18.34 -5.12
CA VAL A 109 -9.82 -17.68 -6.41
C VAL A 109 -10.78 -18.28 -7.41
N THR A 110 -11.46 -17.42 -8.18
CA THR A 110 -12.42 -17.83 -9.19
C THR A 110 -11.96 -17.35 -10.56
N PHE A 111 -12.11 -18.21 -11.56
CA PHE A 111 -11.62 -17.96 -12.90
C PHE A 111 -12.77 -17.99 -13.90
N CYS A 112 -12.71 -17.11 -14.89
CA CYS A 112 -13.66 -17.09 -15.98
C CYS A 112 -12.92 -16.84 -17.28
N ASN A 113 -13.45 -17.39 -18.36
CA ASN A 113 -12.88 -17.17 -19.69
C ASN A 113 -13.42 -15.86 -20.26
N LEU A 114 -12.52 -15.08 -20.85
CA LEU A 114 -12.95 -13.82 -21.46
C LEU A 114 -13.84 -14.06 -22.68
N ASN A 115 -13.74 -15.23 -23.31
CA ASN A 115 -14.71 -15.67 -24.30
C ASN A 115 -15.68 -16.62 -23.60
N ARG A 116 -16.98 -16.33 -23.71
CA ARG A 116 -17.96 -16.89 -22.80
C ARG A 116 -18.79 -18.03 -23.37
N PHE A 117 -18.91 -18.14 -24.69
CA PHE A 117 -19.81 -19.11 -25.31
C PHE A 117 -19.05 -20.03 -26.24
N GLN A 118 -19.52 -21.27 -26.33
CA GLN A 118 -18.96 -22.22 -27.27
C GLN A 118 -19.25 -21.77 -28.70
N THR A 119 -18.24 -21.88 -29.56
CA THR A 119 -18.37 -21.31 -30.90
C THR A 119 -19.48 -21.98 -31.69
N ASP A 120 -19.62 -23.30 -31.60
CA ASP A 120 -20.61 -24.00 -32.40
C ASP A 120 -22.00 -23.96 -31.78
N ALA A 121 -22.11 -23.59 -30.51
CA ALA A 121 -23.41 -23.46 -29.87
C ALA A 121 -24.07 -22.11 -30.12
N VAL A 122 -23.33 -21.15 -30.67
CA VAL A 122 -23.85 -19.80 -30.90
C VAL A 122 -23.73 -19.38 -32.35
N ALA A 123 -23.17 -20.20 -33.22
CA ALA A 123 -23.02 -19.81 -34.62
C ALA A 123 -24.38 -19.51 -35.25
N LYS A 124 -25.37 -20.37 -35.00
CA LYS A 124 -26.71 -20.21 -35.56
C LYS A 124 -27.69 -19.61 -34.56
N PHE A 125 -27.22 -19.16 -33.40
CA PHE A 125 -28.07 -18.64 -32.34
C PHE A 125 -27.50 -17.34 -31.80
N GLY A 126 -27.17 -16.42 -32.71
CA GLY A 126 -26.53 -15.17 -32.33
C GLY A 126 -27.37 -14.30 -31.42
N VAL A 127 -28.67 -14.57 -31.30
CA VAL A 127 -29.52 -13.78 -30.43
C VAL A 127 -29.07 -13.86 -28.99
N ILE A 128 -28.37 -14.93 -28.60
CA ILE A 128 -28.06 -15.17 -27.20
C ILE A 128 -27.25 -14.02 -26.61
N PHE A 129 -26.44 -13.35 -27.43
CA PHE A 129 -25.59 -12.29 -26.90
C PHE A 129 -26.42 -11.17 -26.29
N PHE A 130 -27.51 -10.80 -26.97
CA PHE A 130 -28.38 -9.77 -26.42
C PHE A 130 -29.24 -10.31 -25.29
N LEU A 131 -29.67 -11.57 -25.41
CA LEU A 131 -30.42 -12.18 -24.32
C LEU A 131 -29.60 -12.24 -23.04
N TRP A 132 -28.34 -12.66 -23.15
CA TRP A 132 -27.48 -12.70 -21.97
C TRP A 132 -27.19 -11.29 -21.45
N HIS A 133 -27.04 -10.32 -22.36
CA HIS A 133 -26.82 -8.94 -21.92
C HIS A 133 -27.99 -8.44 -21.10
N ILE A 134 -29.22 -8.69 -21.56
CA ILE A 134 -30.40 -8.28 -20.82
C ILE A 134 -30.47 -9.04 -19.50
N VAL A 135 -30.30 -10.35 -19.55
CA VAL A 135 -30.42 -11.17 -18.35
C VAL A 135 -29.33 -10.81 -17.34
N SER A 136 -28.10 -10.65 -17.81
CA SER A 136 -26.98 -10.34 -16.93
C SER A 136 -26.99 -8.90 -16.43
N LYS A 137 -28.04 -8.13 -16.73
CA LYS A 137 -28.07 -6.73 -16.31
C LYS A 137 -28.09 -6.61 -14.78
N VAL A 138 -28.44 -7.68 -14.08
CA VAL A 138 -28.49 -7.63 -12.63
C VAL A 138 -27.10 -7.37 -12.06
N LEU A 139 -26.10 -8.10 -12.55
CA LEU A 139 -24.74 -7.93 -12.05
C LEU A 139 -24.08 -6.71 -12.64
N HIS A 140 -23.93 -6.67 -13.96
CA HIS A 140 -23.47 -5.48 -14.66
C HIS A 140 -24.67 -4.56 -14.86
N LEU A 141 -24.57 -3.34 -14.37
CA LEU A 141 -25.66 -2.37 -14.47
C LEU A 141 -25.54 -1.48 -15.70
N GLN A 142 -24.59 -1.76 -16.57
CA GLN A 142 -24.44 -1.00 -17.81
C GLN A 142 -25.78 -0.94 -18.54
N GLU A 143 -26.18 0.26 -18.94
CA GLU A 143 -27.49 0.46 -19.52
C GLU A 143 -27.57 -0.18 -20.90
N ILE A 144 -28.81 -0.39 -21.35
CA ILE A 144 -29.10 -1.04 -22.63
C ILE A 144 -29.97 -0.10 -23.44
N THR A 145 -29.60 0.09 -24.72
CA THR A 145 -30.29 1.02 -25.59
C THR A 145 -31.48 0.34 -26.24
N ALA A 146 -32.67 0.87 -25.99
CA ALA A 146 -33.87 0.35 -26.63
C ALA A 146 -33.91 0.80 -28.09
N ASN A 147 -34.70 0.09 -28.89
CA ASN A 147 -34.90 0.28 -30.32
C ASN A 147 -33.71 -0.16 -31.15
N SER A 148 -32.63 -0.64 -30.53
CA SER A 148 -31.50 -1.14 -31.28
C SER A 148 -31.88 -2.41 -32.03
N THR A 149 -31.13 -2.70 -33.10
CA THR A 149 -31.41 -3.90 -33.88
C THR A 149 -31.27 -5.16 -33.04
N GLY A 150 -30.23 -5.23 -32.21
CA GLY A 150 -30.04 -6.40 -31.36
C GLY A 150 -31.16 -6.56 -30.36
N SER A 151 -31.53 -5.49 -29.68
CA SER A 151 -32.58 -5.57 -28.67
C SER A 151 -33.95 -5.82 -29.28
N ARG A 152 -34.15 -5.44 -30.53
CA ARG A 152 -35.43 -5.74 -31.18
C ARG A 152 -35.54 -7.21 -31.53
N GLU A 153 -34.44 -7.82 -31.98
CA GLU A 153 -34.47 -9.25 -32.29
C GLU A 153 -34.68 -10.08 -31.03
N ALA A 154 -33.98 -9.73 -29.94
CA ALA A 154 -34.14 -10.49 -28.71
C ALA A 154 -35.57 -10.40 -28.19
N THR A 155 -36.14 -9.20 -28.18
CA THR A 155 -37.50 -9.05 -27.67
C THR A 155 -38.49 -9.86 -28.49
N ASP A 156 -38.35 -9.83 -29.81
CA ASP A 156 -39.23 -10.64 -30.65
C ASP A 156 -39.04 -12.13 -30.38
N PHE A 157 -37.80 -12.54 -30.08
CA PHE A 157 -37.54 -13.93 -29.75
C PHE A 157 -38.17 -14.32 -28.42
N ALA A 158 -38.00 -13.46 -27.41
CA ALA A 158 -38.54 -13.77 -26.08
C ALA A 158 -40.04 -13.93 -26.13
N ALA A 159 -40.72 -13.06 -26.89
CA ALA A 159 -42.18 -13.15 -26.97
C ALA A 159 -42.63 -14.48 -27.55
N SER A 160 -41.78 -15.12 -28.37
CA SER A 160 -42.12 -16.39 -29.01
C SER A 160 -41.61 -17.58 -28.21
N HIS A 161 -40.29 -17.63 -27.97
CA HIS A 161 -39.69 -18.74 -27.22
C HIS A 161 -39.76 -18.42 -25.73
N GLN A 162 -40.96 -18.60 -25.17
CA GLN A 162 -41.14 -18.45 -23.73
C GLN A 162 -40.73 -19.69 -22.95
N ASN A 163 -40.53 -20.82 -23.63
CA ASN A 163 -40.04 -22.02 -22.96
C ASN A 163 -38.55 -21.91 -22.66
N PHE A 164 -37.83 -21.11 -23.44
CA PHE A 164 -36.37 -21.07 -23.37
C PHE A 164 -35.91 -20.84 -21.94
N SER A 165 -34.97 -21.68 -21.50
CA SER A 165 -34.39 -21.62 -20.16
C SER A 165 -32.96 -21.14 -20.30
N ILE A 166 -32.72 -19.87 -19.97
CA ILE A 166 -31.39 -19.29 -20.15
C ILE A 166 -30.37 -20.00 -19.28
N VAL A 167 -30.76 -20.37 -18.05
CA VAL A 167 -29.82 -21.00 -17.14
C VAL A 167 -29.34 -22.34 -17.69
N GLU A 168 -30.26 -23.13 -18.24
CA GLU A 168 -29.87 -24.40 -18.82
C GLU A 168 -28.93 -24.20 -20.00
N PHE A 169 -29.24 -23.23 -20.86
CA PHE A 169 -28.40 -23.00 -22.03
C PHE A 169 -27.00 -22.57 -21.63
N ILE A 170 -26.90 -21.56 -20.76
CA ILE A 170 -25.58 -21.03 -20.40
C ILE A 170 -24.77 -22.07 -19.66
N ARG A 171 -25.40 -22.88 -18.82
CA ARG A 171 -24.67 -23.90 -18.09
C ARG A 171 -24.08 -24.93 -19.04
N ASN A 172 -24.84 -25.35 -20.05
CA ASN A 172 -24.37 -26.39 -20.95
C ASN A 172 -23.48 -25.83 -22.05
N LYS A 173 -23.79 -24.64 -22.56
CA LYS A 173 -23.14 -24.08 -23.73
C LYS A 173 -22.19 -22.94 -23.38
N GLY A 174 -21.46 -23.07 -22.27
CA GLY A 174 -20.50 -22.05 -21.87
C GLY A 174 -19.13 -22.63 -21.58
N PHE A 175 -18.32 -21.89 -20.84
CA PHE A 175 -17.01 -22.34 -20.45
C PHE A 175 -17.13 -23.55 -19.50
N TYR A 176 -16.10 -24.39 -19.51
CA TYR A 176 -16.09 -25.58 -18.67
C TYR A 176 -14.66 -25.95 -18.32
N LEU A 177 -14.49 -26.49 -17.11
CA LEU A 177 -13.20 -27.02 -16.68
C LEU A 177 -13.13 -28.50 -17.06
N ASN A 178 -12.03 -28.89 -17.70
CA ASN A 178 -11.90 -30.22 -18.25
C ASN A 178 -10.43 -30.50 -18.47
N ASN A 179 -10.11 -31.75 -18.75
CA ASN A 179 -8.73 -32.11 -19.06
C ASN A 179 -8.22 -31.37 -20.29
N SER A 180 -9.13 -30.99 -21.19
CA SER A 180 -8.74 -30.24 -22.38
C SER A 180 -8.67 -28.74 -22.13
N THR A 181 -9.14 -28.28 -20.98
CA THR A 181 -9.14 -26.85 -20.65
C THR A 181 -8.18 -26.50 -19.53
N LEU A 182 -8.04 -27.36 -18.53
CA LEU A 182 -7.11 -27.17 -17.42
C LEU A 182 -5.98 -28.18 -17.59
N LEU A 183 -4.96 -27.79 -18.35
CA LEU A 183 -3.88 -28.71 -18.66
C LEU A 183 -3.12 -29.14 -17.42
N ASP A 184 -2.82 -28.18 -16.53
CA ASP A 184 -2.03 -28.48 -15.34
C ASP A 184 -2.53 -27.63 -14.19
N CYS A 185 -2.34 -28.12 -12.97
CA CYS A 185 -2.74 -27.39 -11.78
C CYS A 185 -2.07 -28.03 -10.57
N GLU A 186 -1.63 -27.20 -9.64
CA GLU A 186 -0.97 -27.67 -8.44
C GLU A 186 -1.18 -26.66 -7.32
N PHE A 187 -1.43 -27.17 -6.11
CA PHE A 187 -1.64 -26.34 -4.93
C PHE A 187 -0.63 -26.77 -3.87
N PHE A 188 0.34 -25.90 -3.58
CA PHE A 188 1.36 -26.18 -2.59
C PHE A 188 2.06 -27.51 -2.87
N GLY A 189 2.33 -27.77 -4.15
CA GLY A 189 3.03 -28.97 -4.54
C GLY A 189 2.17 -30.20 -4.67
N LYS A 190 0.89 -30.12 -4.35
CA LYS A 190 -0.01 -31.26 -4.45
C LYS A 190 -0.86 -31.13 -5.71
N PRO A 191 -0.81 -32.09 -6.64
CA PRO A 191 -1.63 -31.96 -7.84
C PRO A 191 -3.11 -31.84 -7.51
N CYS A 192 -3.81 -31.02 -8.28
CA CYS A 192 -5.24 -30.80 -8.09
C CYS A 192 -5.94 -31.02 -9.43
N SER A 193 -7.22 -31.33 -9.34
CA SER A 193 -8.03 -31.76 -10.47
C SER A 193 -9.22 -30.84 -10.68
N PRO A 194 -9.87 -30.89 -11.85
CA PRO A 194 -11.05 -30.05 -12.07
C PRO A 194 -12.13 -30.27 -11.02
N LYS A 195 -12.16 -31.46 -10.42
CA LYS A 195 -13.13 -31.75 -9.38
C LYS A 195 -12.93 -30.89 -8.14
N ASP A 196 -11.79 -30.21 -8.01
CA ASP A 196 -11.52 -29.34 -6.88
C ASP A 196 -12.09 -27.94 -7.06
N PHE A 197 -12.73 -27.66 -8.18
CA PHE A 197 -13.29 -26.35 -8.49
C PHE A 197 -14.81 -26.42 -8.39
N ALA A 198 -15.40 -25.39 -7.80
CA ALA A 198 -16.86 -25.30 -7.68
C ALA A 198 -17.40 -24.32 -8.71
N HIS A 199 -18.46 -24.73 -9.39
CA HIS A 199 -19.05 -23.94 -10.46
C HIS A 199 -19.83 -22.76 -9.88
N VAL A 200 -19.78 -21.63 -10.58
CA VAL A 200 -20.46 -20.42 -10.15
C VAL A 200 -20.89 -19.65 -11.39
N PHE A 201 -22.08 -19.04 -11.32
CA PHE A 201 -22.56 -18.20 -12.41
C PHE A 201 -22.09 -16.76 -12.21
N THR A 202 -21.88 -16.08 -13.33
CA THR A 202 -21.40 -14.71 -13.32
C THR A 202 -21.74 -14.08 -14.65
N GLU A 203 -21.56 -12.76 -14.74
CA GLU A 203 -21.82 -12.08 -16.00
C GLU A 203 -20.96 -12.63 -17.13
N TYR A 204 -19.88 -13.32 -16.80
CA TYR A 204 -19.02 -13.96 -17.78
C TYR A 204 -19.44 -15.38 -18.10
N GLY A 205 -20.56 -15.85 -17.55
CA GLY A 205 -21.03 -17.20 -17.80
C GLY A 205 -20.60 -18.15 -16.70
N ASN A 206 -20.16 -19.35 -17.09
CA ASN A 206 -19.69 -20.31 -16.12
C ASN A 206 -18.36 -19.86 -15.54
N CYS A 207 -18.27 -19.84 -14.21
CA CYS A 207 -17.03 -19.48 -13.52
C CYS A 207 -16.79 -20.50 -12.41
N PHE A 208 -15.52 -20.87 -12.24
CA PHE A 208 -15.13 -21.94 -11.34
C PHE A 208 -14.19 -21.40 -10.28
N THR A 209 -14.47 -21.69 -9.02
CA THR A 209 -13.72 -21.17 -7.89
C THR A 209 -12.94 -22.29 -7.23
N PHE A 210 -11.69 -21.99 -6.87
CA PHE A 210 -10.79 -22.94 -6.24
C PHE A 210 -10.72 -22.68 -4.74
N ASN A 211 -10.51 -23.76 -3.98
CA ASN A 211 -10.40 -23.67 -2.53
C ASN A 211 -11.67 -23.11 -1.90
N HIS A 212 -12.82 -23.40 -2.53
CA HIS A 212 -14.09 -22.94 -2.02
C HIS A 212 -14.34 -23.51 -0.62
N GLY A 213 -15.34 -22.95 0.04
CA GLY A 213 -15.70 -23.38 1.38
C GLY A 213 -15.93 -24.88 1.47
N VAL A 224 2.44 -20.43 3.38
CA VAL A 224 3.89 -20.36 3.49
C VAL A 224 4.42 -19.40 2.44
N SER A 225 5.47 -18.66 2.80
CA SER A 225 6.02 -17.65 1.90
C SER A 225 6.52 -18.29 0.61
N GLY A 226 6.20 -17.66 -0.52
CA GLY A 226 6.70 -18.12 -1.80
C GLY A 226 6.05 -19.36 -2.33
N ARG A 227 4.86 -19.72 -1.82
CA ARG A 227 4.14 -20.90 -2.28
C ARG A 227 2.66 -20.56 -2.41
N GLY A 228 1.99 -21.26 -3.33
CA GLY A 228 0.59 -21.02 -3.56
C GLY A 228 0.01 -21.88 -4.67
N LEU A 229 -0.81 -21.28 -5.52
CA LEU A 229 -1.54 -21.98 -6.56
C LEU A 229 -0.90 -21.72 -7.91
N SER A 230 -0.69 -22.79 -8.69
CA SER A 230 -0.12 -22.71 -10.03
C SER A 230 -1.06 -23.41 -11.00
N LEU A 231 -1.36 -22.74 -12.11
CA LEU A 231 -2.34 -23.24 -13.06
C LEU A 231 -1.81 -23.04 -14.48
N LEU A 232 -2.40 -23.80 -15.41
CA LEU A 232 -2.14 -23.66 -16.83
C LEU A 232 -3.44 -23.92 -17.58
N PHE A 233 -3.96 -22.90 -18.25
CA PHE A 233 -5.23 -22.98 -18.94
C PHE A 233 -5.04 -23.10 -20.44
N ASN A 234 -6.05 -23.65 -21.10
CA ASN A 234 -6.11 -23.73 -22.56
C ASN A 234 -7.38 -23.01 -22.97
N VAL A 235 -7.27 -21.69 -23.22
CA VAL A 235 -8.43 -20.89 -23.53
C VAL A 235 -9.16 -21.41 -24.75
N ASN A 236 -8.42 -21.99 -25.71
CA ASN A 236 -9.02 -22.63 -26.87
C ASN A 236 -9.90 -21.65 -27.64
N GLN A 237 -9.25 -20.61 -28.18
CA GLN A 237 -9.98 -19.59 -28.93
C GLN A 237 -10.76 -20.19 -30.09
N GLU A 238 -10.32 -21.33 -30.61
CA GLU A 238 -11.03 -21.99 -31.69
C GLU A 238 -12.34 -22.61 -31.23
N ALA A 239 -12.59 -22.69 -29.93
CA ALA A 239 -13.79 -23.31 -29.40
C ALA A 239 -14.71 -22.35 -28.68
N PHE A 240 -14.19 -21.28 -28.09
CA PHE A 240 -14.98 -20.31 -27.36
C PHE A 240 -14.88 -18.96 -28.06
N THR A 241 -16.03 -18.30 -28.24
CA THR A 241 -16.08 -17.00 -28.88
C THR A 241 -17.18 -16.18 -28.22
N ASP A 242 -17.31 -14.94 -28.64
CA ASP A 242 -18.41 -14.08 -28.21
C ASP A 242 -18.42 -12.85 -29.10
N ASN A 243 -19.39 -11.98 -28.87
CA ASN A 243 -19.64 -10.85 -29.77
C ASN A 243 -18.61 -9.75 -29.52
N PRO A 244 -17.81 -9.36 -30.52
CA PRO A 244 -16.94 -8.18 -30.34
C PRO A 244 -17.69 -6.87 -30.48
N ALA A 245 -18.83 -6.84 -31.16
CA ALA A 245 -19.60 -5.62 -31.29
C ALA A 245 -20.15 -5.14 -29.96
N LEU A 246 -20.14 -5.98 -28.94
CA LEU A 246 -20.62 -5.61 -27.61
C LEU A 246 -19.49 -5.26 -26.66
N GLY A 247 -18.26 -5.14 -27.16
CA GLY A 247 -17.14 -4.75 -26.34
C GLY A 247 -16.29 -5.87 -25.81
N PHE A 248 -16.46 -7.09 -26.31
CA PHE A 248 -15.66 -8.24 -25.87
C PHE A 248 -14.65 -8.54 -26.98
N VAL A 249 -13.44 -7.99 -26.83
CA VAL A 249 -12.44 -8.08 -27.88
C VAL A 249 -11.18 -8.77 -27.35
N ASP A 250 -10.95 -8.69 -26.05
CA ASP A 250 -9.75 -9.25 -25.46
C ASP A 250 -9.92 -10.74 -25.20
N ALA A 251 -8.80 -11.46 -25.22
CA ALA A 251 -8.77 -12.89 -24.96
C ALA A 251 -7.79 -13.19 -23.84
N GLY A 252 -8.18 -14.09 -22.96
CA GLY A 252 -7.37 -14.44 -21.81
C GLY A 252 -8.23 -15.01 -20.70
N ILE A 253 -7.77 -14.81 -19.47
CA ILE A 253 -8.46 -15.28 -18.28
C ILE A 253 -8.67 -14.11 -17.34
N ILE A 254 -9.85 -14.05 -16.72
CA ILE A 254 -10.18 -13.04 -15.74
C ILE A 254 -10.50 -13.76 -14.43
N PHE A 255 -9.89 -13.31 -13.34
CA PHE A 255 -10.06 -13.95 -12.04
C PHE A 255 -10.06 -12.89 -10.96
N VAL A 256 -10.62 -13.25 -9.80
CA VAL A 256 -10.66 -12.37 -8.65
C VAL A 256 -10.34 -13.20 -7.41
N ILE A 257 -9.58 -12.61 -6.49
CA ILE A 257 -9.18 -13.26 -5.26
C ILE A 257 -10.04 -12.72 -4.13
N HIS A 258 -10.70 -13.62 -3.41
CA HIS A 258 -11.68 -13.22 -2.42
C HIS A 258 -11.69 -14.22 -1.28
N SER A 259 -12.28 -13.81 -0.16
CA SER A 259 -12.43 -14.72 0.96
C SER A 259 -13.39 -15.86 0.60
N PRO A 260 -13.19 -17.04 1.15
CA PRO A 260 -14.08 -18.17 0.80
C PRO A 260 -15.53 -17.94 1.18
N LYS A 261 -15.80 -17.02 2.11
CA LYS A 261 -17.16 -16.80 2.58
C LYS A 261 -17.91 -15.75 1.76
N LYS A 262 -17.27 -15.15 0.77
CA LYS A 262 -17.87 -14.08 -0.02
C LYS A 262 -18.09 -14.53 -1.46
N VAL A 263 -19.25 -14.20 -2.00
CA VAL A 263 -19.52 -14.46 -3.41
C VAL A 263 -18.65 -13.53 -4.26
N PRO A 264 -17.92 -14.04 -5.26
CA PRO A 264 -17.06 -13.17 -6.04
C PRO A 264 -17.86 -12.09 -6.77
N GLN A 265 -17.25 -10.92 -6.89
CA GLN A 265 -17.86 -9.78 -7.58
C GLN A 265 -16.87 -9.34 -8.65
N PHE A 266 -17.08 -9.78 -9.90
CA PHE A 266 -16.15 -9.46 -10.96
C PHE A 266 -16.31 -8.02 -11.41
N ASP A 267 -17.47 -7.68 -11.98
CA ASP A 267 -17.71 -6.34 -12.47
C ASP A 267 -16.51 -5.87 -13.30
N GLY A 268 -16.07 -4.63 -13.10
CA GLY A 268 -14.84 -4.17 -13.72
C GLY A 268 -13.68 -4.21 -12.75
N LEU A 269 -13.70 -5.18 -11.83
CA LEU A 269 -12.71 -5.26 -10.76
C LEU A 269 -11.79 -6.47 -10.86
N GLY A 270 -12.15 -7.48 -11.64
CA GLY A 270 -11.33 -8.67 -11.70
C GLY A 270 -9.98 -8.42 -12.34
N LEU A 271 -8.99 -9.23 -11.93
CA LEU A 271 -7.68 -9.16 -12.54
C LEU A 271 -7.66 -9.90 -13.87
N LEU A 272 -6.66 -9.59 -14.69
CA LEU A 272 -6.56 -10.15 -16.02
C LEU A 272 -5.22 -10.86 -16.21
N SER A 273 -5.19 -11.76 -17.18
CA SER A 273 -3.99 -12.48 -17.54
C SER A 273 -4.06 -12.78 -19.03
N PRO A 274 -3.03 -12.44 -19.80
CA PRO A 274 -3.09 -12.65 -21.25
C PRO A 274 -2.62 -14.04 -21.65
N VAL A 275 -2.92 -14.40 -22.90
CA VAL A 275 -2.46 -15.65 -23.48
C VAL A 275 -1.02 -15.48 -23.93
N GLY A 276 -0.22 -16.52 -23.79
CA GLY A 276 1.16 -16.47 -24.20
C GLY A 276 2.11 -15.81 -23.21
N MET A 277 1.68 -15.61 -21.98
CA MET A 277 2.54 -15.04 -20.94
C MET A 277 2.29 -15.77 -19.63
N HIS A 278 3.29 -15.76 -18.77
CA HIS A 278 3.22 -16.38 -17.46
C HIS A 278 3.10 -15.27 -16.42
N ALA A 279 2.01 -15.26 -15.66
CA ALA A 279 1.73 -14.21 -14.69
C ALA A 279 2.03 -14.73 -13.29
N ARG A 280 2.86 -13.99 -12.56
CA ARG A 280 3.19 -14.29 -11.18
C ARG A 280 2.52 -13.24 -10.30
N VAL A 281 1.57 -13.68 -9.48
CA VAL A 281 0.80 -12.80 -8.61
C VAL A 281 1.19 -13.10 -7.16
N THR A 282 1.64 -12.08 -6.45
CA THR A 282 1.97 -12.19 -5.03
C THR A 282 0.93 -11.41 -4.24
N ILE A 283 0.28 -12.09 -3.30
CA ILE A 283 -0.82 -11.51 -2.55
C ILE A 283 -0.41 -11.36 -1.10
N ARG A 284 -1.03 -10.39 -0.44
CA ARG A 284 -0.87 -10.17 1.00
C ARG A 284 -2.23 -9.90 1.60
N GLN A 285 -2.52 -10.54 2.72
CA GLN A 285 -3.79 -10.32 3.39
C GLN A 285 -3.72 -9.05 4.22
N VAL A 286 -4.67 -8.14 3.98
CA VAL A 286 -4.73 -6.86 4.67
C VAL A 286 -6.11 -6.78 5.31
N LYS A 287 -6.16 -6.89 6.63
CA LYS A 287 -7.41 -6.85 7.38
C LYS A 287 -7.52 -5.51 8.09
N THR A 288 -8.74 -4.96 8.11
CA THR A 288 -9.02 -3.70 8.78
C THR A 288 -10.27 -3.85 9.63
N VAL A 289 -10.28 -3.19 10.78
CA VAL A 289 -11.40 -3.25 11.72
C VAL A 289 -11.90 -1.83 11.96
N HIS A 290 -13.22 -1.65 11.90
CA HIS A 290 -13.85 -0.35 12.07
C HIS A 290 -14.70 -0.36 13.34
N GLN A 291 -14.69 0.76 14.05
CA GLN A 291 -15.52 0.90 15.24
C GLN A 291 -16.96 1.18 14.86
N GLU A 292 -17.84 1.17 15.86
CA GLU A 292 -19.25 1.37 15.62
C GLU A 292 -19.52 2.78 15.13
N TYR A 293 -20.81 3.09 14.93
CA TYR A 293 -21.19 4.32 14.24
C TYR A 293 -20.59 5.58 14.85
N PRO A 294 -20.67 5.80 16.17
CA PRO A 294 -20.13 7.05 16.71
C PRO A 294 -18.66 7.27 16.38
N TRP A 295 -17.86 6.21 16.41
CA TRP A 295 -16.43 6.31 16.13
C TRP A 295 -16.08 5.97 14.69
N GLY A 296 -16.80 5.03 14.08
CA GLY A 296 -16.56 4.65 12.70
C GLY A 296 -17.85 4.56 11.91
N GLU A 297 -17.80 3.98 10.71
CA GLU A 297 -18.98 3.84 9.88
C GLU A 297 -19.68 2.50 10.05
N CYS A 298 -19.13 1.59 10.86
CA CYS A 298 -19.71 0.27 10.99
C CYS A 298 -21.11 0.34 11.61
N ASN A 299 -21.77 -0.83 11.63
CA ASN A 299 -23.08 -0.97 12.24
C ASN A 299 -23.34 -2.45 12.48
N PRO A 300 -22.81 -3.03 13.56
CA PRO A 300 -22.96 -4.48 13.77
C PRO A 300 -24.40 -4.94 13.88
N ASN A 301 -25.34 -4.04 14.15
CA ASN A 301 -26.73 -4.45 14.30
C ASN A 301 -27.27 -5.09 13.02
N ILE A 302 -26.91 -4.55 11.86
CA ILE A 302 -27.43 -5.07 10.61
C ILE A 302 -26.87 -6.46 10.36
N LYS A 303 -27.74 -7.38 9.97
CA LYS A 303 -27.35 -8.73 9.61
C LYS A 303 -28.12 -9.17 8.37
N LEU A 304 -27.49 -10.02 7.56
CA LEU A 304 -28.07 -10.42 6.30
C LEU A 304 -29.06 -11.56 6.51
N GLN A 305 -29.66 -12.02 5.42
CA GLN A 305 -30.63 -13.10 5.49
C GLN A 305 -29.99 -14.38 5.98
N ASN A 306 -30.75 -15.18 6.73
CA ASN A 306 -30.25 -16.39 7.37
C ASN A 306 -29.14 -16.08 8.38
N PHE A 307 -29.09 -14.83 8.84
CA PHE A 307 -28.10 -14.39 9.82
C PHE A 307 -26.67 -14.67 9.34
N SER A 308 -26.47 -14.62 8.03
CA SER A 308 -25.13 -14.85 7.47
C SER A 308 -24.22 -13.68 7.80
N SER A 309 -22.92 -13.94 7.73
CA SER A 309 -21.94 -12.89 8.01
C SER A 309 -22.16 -11.70 7.07
N TYR A 310 -22.16 -10.51 7.65
CA TYR A 310 -22.45 -9.31 6.87
C TYR A 310 -21.27 -8.94 5.99
N SER A 311 -21.58 -8.44 4.79
CA SER A 311 -20.58 -7.92 3.87
C SER A 311 -21.23 -6.87 3.00
N THR A 312 -20.50 -5.81 2.69
CA THR A 312 -21.08 -4.70 1.94
C THR A 312 -21.67 -5.19 0.61
N SER A 313 -20.91 -6.02 -0.12
CA SER A 313 -21.43 -6.55 -1.37
C SER A 313 -22.66 -7.42 -1.14
N GLY A 314 -22.66 -8.21 -0.07
CA GLY A 314 -23.81 -9.04 0.22
C GLY A 314 -25.07 -8.22 0.46
N CYS A 315 -24.94 -7.11 1.18
CA CYS A 315 -26.10 -6.25 1.42
C CYS A 315 -26.66 -5.70 0.11
N LEU A 316 -25.78 -5.28 -0.80
CA LEU A 316 -26.25 -4.75 -2.08
C LEU A 316 -27.04 -5.80 -2.85
N LYS A 317 -26.50 -7.01 -2.96
CA LYS A 317 -27.21 -8.07 -3.66
C LYS A 317 -28.54 -8.38 -2.99
N GLU A 318 -28.55 -8.47 -1.66
CA GLU A 318 -29.79 -8.72 -0.94
C GLU A 318 -30.77 -7.57 -1.10
N CYS A 319 -30.27 -6.34 -1.07
CA CYS A 319 -31.15 -5.19 -1.22
C CYS A 319 -31.82 -5.20 -2.59
N LYS A 320 -31.04 -5.40 -3.66
CA LYS A 320 -31.61 -5.42 -4.99
C LYS A 320 -32.61 -6.55 -5.15
N ALA A 321 -32.28 -7.74 -4.63
CA ALA A 321 -33.18 -8.88 -4.78
C ALA A 321 -34.53 -8.60 -4.16
N GLN A 322 -34.56 -7.94 -3.01
CA GLN A 322 -35.83 -7.63 -2.35
C GLN A 322 -36.69 -6.74 -3.23
N HIS A 323 -36.11 -5.67 -3.77
CA HIS A 323 -36.88 -4.74 -4.58
C HIS A 323 -37.45 -5.42 -5.82
N ILE A 324 -36.64 -6.23 -6.50
CA ILE A 324 -37.10 -6.90 -7.70
C ILE A 324 -38.24 -7.86 -7.36
N LYS A 325 -38.17 -8.50 -6.19
CA LYS A 325 -39.24 -9.40 -5.79
C LYS A 325 -40.52 -8.64 -5.46
N LYS A 326 -40.43 -7.34 -5.16
CA LYS A 326 -41.63 -6.56 -4.90
C LYS A 326 -42.33 -6.20 -6.21
N GLN A 327 -41.62 -5.49 -7.10
CA GLN A 327 -42.22 -5.07 -8.36
C GLN A 327 -42.60 -6.28 -9.21
N CYS A 328 -41.74 -7.29 -9.27
CA CYS A 328 -42.01 -8.52 -10.00
C CYS A 328 -42.01 -9.68 -9.02
N GLY A 329 -42.78 -10.71 -9.35
CA GLY A 329 -42.95 -11.83 -8.44
C GLY A 329 -41.84 -12.85 -8.43
N CYS A 330 -40.78 -12.64 -9.22
CA CYS A 330 -39.68 -13.60 -9.32
C CYS A 330 -38.36 -12.86 -9.23
N VAL A 331 -37.32 -13.59 -8.84
CA VAL A 331 -35.99 -13.03 -8.71
C VAL A 331 -35.08 -13.61 -9.80
N PRO A 332 -34.16 -12.82 -10.35
CA PRO A 332 -33.24 -13.38 -11.35
C PRO A 332 -32.36 -14.46 -10.75
N PHE A 333 -31.96 -15.42 -11.58
CA PHE A 333 -31.16 -16.54 -11.10
C PHE A 333 -29.72 -16.14 -10.78
N LEU A 334 -29.31 -14.91 -11.10
CA LEU A 334 -28.00 -14.43 -10.70
C LEU A 334 -27.99 -13.91 -9.27
N LEU A 335 -29.15 -13.93 -8.59
CA LEU A 335 -29.26 -13.66 -7.17
C LEU A 335 -29.86 -14.92 -6.56
N PRO A 336 -29.04 -15.90 -6.20
CA PRO A 336 -29.54 -17.28 -6.10
C PRO A 336 -30.61 -17.49 -5.04
N GLY A 337 -30.32 -17.18 -3.78
CA GLY A 337 -31.07 -17.73 -2.67
C GLY A 337 -32.30 -16.92 -2.28
N TYR A 338 -32.67 -15.88 -3.05
CA TYR A 338 -33.70 -14.96 -2.62
C TYR A 338 -35.08 -15.27 -3.18
N GLY A 339 -35.26 -16.37 -3.89
CA GLY A 339 -36.59 -16.75 -4.31
C GLY A 339 -36.56 -17.50 -5.63
N ILE A 340 -37.67 -17.40 -6.36
CA ILE A 340 -37.90 -18.16 -7.57
C ILE A 340 -37.23 -17.47 -8.75
N GLU A 341 -37.02 -18.22 -9.83
CA GLU A 341 -36.42 -17.68 -11.04
C GLU A 341 -37.49 -17.06 -11.92
N CYS A 342 -37.15 -15.93 -12.54
CA CYS A 342 -38.08 -15.23 -13.41
C CYS A 342 -38.04 -15.80 -14.82
N ASP A 343 -39.17 -15.68 -15.52
CA ASP A 343 -39.25 -16.12 -16.90
C ASP A 343 -38.37 -15.23 -17.78
N LEU A 344 -38.15 -15.69 -19.01
CA LEU A 344 -37.36 -14.90 -19.94
C LEU A 344 -38.03 -13.58 -20.26
N GLN A 345 -39.35 -13.60 -20.48
CA GLN A 345 -40.06 -12.39 -20.84
C GLN A 345 -40.04 -11.36 -19.72
N LYS A 346 -40.17 -11.81 -18.47
CA LYS A 346 -40.22 -10.88 -17.36
C LYS A 346 -38.92 -10.09 -17.20
N TYR A 347 -37.82 -10.57 -17.78
CA TYR A 347 -36.60 -9.78 -17.76
C TYR A 347 -36.77 -8.50 -18.55
N PHE A 348 -37.43 -8.57 -19.71
CA PHE A 348 -37.61 -7.39 -20.54
C PHE A 348 -38.71 -6.49 -19.98
N SER A 349 -39.76 -7.07 -19.41
CA SER A 349 -40.92 -6.29 -19.02
C SER A 349 -40.79 -5.76 -17.59
N CYS A 350 -40.45 -6.64 -16.64
CA CYS A 350 -40.49 -6.31 -15.23
C CYS A 350 -39.13 -6.00 -14.63
N VAL A 351 -38.15 -6.90 -14.81
CA VAL A 351 -36.89 -6.74 -14.10
C VAL A 351 -36.10 -5.56 -14.66
N SER A 352 -36.04 -5.42 -15.98
CA SER A 352 -35.19 -4.40 -16.58
C SER A 352 -35.60 -2.99 -16.19
N PRO A 353 -36.86 -2.58 -16.31
CA PRO A 353 -37.21 -1.22 -15.89
C PRO A 353 -36.96 -0.97 -14.42
N VAL A 354 -37.16 -1.96 -13.56
CA VAL A 354 -36.99 -1.76 -12.13
C VAL A 354 -35.54 -1.42 -11.81
N LEU A 355 -34.59 -2.10 -12.44
CA LEU A 355 -33.19 -1.82 -12.16
C LEU A 355 -32.85 -0.37 -12.49
N ASP A 356 -33.38 0.15 -13.60
CA ASP A 356 -33.19 1.56 -13.90
C ASP A 356 -33.80 2.44 -12.82
N HIS A 357 -34.99 2.08 -12.35
CA HIS A 357 -35.63 2.86 -11.29
C HIS A 357 -34.81 2.84 -10.01
N ILE A 358 -34.28 1.68 -9.64
CA ILE A 358 -33.50 1.57 -8.41
C ILE A 358 -32.27 2.46 -8.50
N GLU A 359 -31.55 2.40 -9.62
CA GLU A 359 -30.40 3.28 -9.81
C GLU A 359 -30.81 4.74 -9.87
N PHE A 360 -31.92 5.03 -10.56
CA PHE A 360 -32.35 6.42 -10.72
C PHE A 360 -32.69 7.04 -9.37
N LYS A 361 -33.37 6.30 -8.51
CA LYS A 361 -33.77 6.81 -7.20
C LYS A 361 -32.72 6.60 -6.13
N ASP A 362 -31.61 5.93 -6.45
CA ASP A 362 -30.54 5.69 -5.49
C ASP A 362 -31.06 5.00 -4.24
N LEU A 363 -31.71 3.86 -4.45
CA LEU A 363 -32.28 3.09 -3.36
C LEU A 363 -31.31 2.10 -2.74
N CYS A 364 -30.08 2.02 -3.25
CA CYS A 364 -29.09 1.06 -2.79
C CYS A 364 -27.77 1.75 -2.50
N THR A 365 -27.82 2.84 -1.75
CA THR A 365 -26.61 3.55 -1.37
C THR A 365 -25.72 2.67 -0.51
N VAL A 366 -24.42 2.91 -0.56
CA VAL A 366 -23.44 2.15 0.20
C VAL A 366 -22.47 3.12 0.86
N GLY A 367 -21.71 2.59 1.82
CA GLY A 367 -20.67 3.37 2.48
C GLY A 367 -21.05 3.83 3.88
N THR A 368 -21.39 5.10 4.01
CA THR A 368 -21.65 5.68 5.32
C THR A 368 -22.72 4.89 6.07
N HIS A 369 -22.74 5.07 7.38
CA HIS A 369 -23.74 4.38 8.20
C HIS A 369 -25.16 4.72 7.74
N ASN A 370 -25.34 5.90 7.14
CA ASN A 370 -26.63 6.25 6.57
C ASN A 370 -27.02 5.27 5.47
N SER A 371 -26.03 4.79 4.72
CA SER A 371 -26.29 3.97 3.55
C SER A 371 -27.05 2.70 3.92
N SER A 372 -27.80 2.19 2.94
CA SER A 372 -28.52 0.93 3.14
C SER A 372 -27.57 -0.23 3.37
N CYS A 373 -26.33 -0.15 2.90
CA CYS A 373 -25.33 -1.20 3.07
C CYS A 373 -24.07 -0.57 3.65
N PRO A 374 -24.04 -0.33 4.96
CA PRO A 374 -22.89 0.34 5.56
C PRO A 374 -21.61 -0.48 5.40
N VAL A 375 -20.50 0.14 5.78
CA VAL A 375 -19.22 -0.56 5.74
C VAL A 375 -19.23 -1.71 6.74
N SER A 376 -18.58 -2.81 6.36
CA SER A 376 -18.52 -3.96 7.24
C SER A 376 -17.62 -3.67 8.44
N CYS A 377 -17.89 -4.36 9.54
CA CYS A 377 -17.07 -4.17 10.74
C CYS A 377 -15.63 -4.58 10.47
N GLU A 378 -15.43 -5.70 9.77
CA GLU A 378 -14.11 -6.21 9.47
C GLU A 378 -14.00 -6.39 7.96
N GLU A 379 -12.97 -5.78 7.36
CA GLU A 379 -12.74 -5.86 5.93
C GLU A 379 -11.46 -6.63 5.67
N ILE A 380 -11.54 -7.62 4.79
CA ILE A 380 -10.38 -8.43 4.40
C ILE A 380 -10.12 -8.16 2.92
N GLU A 381 -8.91 -7.73 2.62
CA GLU A 381 -8.52 -7.37 1.26
C GLU A 381 -7.22 -8.10 0.92
N TYR A 382 -7.04 -8.37 -0.38
CA TYR A 382 -5.88 -9.12 -0.87
C TYR A 382 -5.21 -8.32 -1.99
N PRO A 383 -4.49 -7.27 -1.65
CA PRO A 383 -3.74 -6.54 -2.68
C PRO A 383 -2.77 -7.46 -3.41
N ALA A 384 -2.64 -7.25 -4.71
CA ALA A 384 -1.84 -8.12 -5.56
C ALA A 384 -0.92 -7.30 -6.45
N THR A 385 0.27 -7.84 -6.69
CA THR A 385 1.22 -7.29 -7.64
C THR A 385 1.54 -8.37 -8.66
N ILE A 386 1.54 -7.98 -9.94
CA ILE A 386 1.61 -8.94 -11.04
C ILE A 386 2.85 -8.66 -11.87
N SER A 387 3.57 -9.72 -12.23
CA SER A 387 4.71 -9.66 -13.12
C SER A 387 4.52 -10.71 -14.20
N TYR A 388 5.17 -10.51 -15.35
CA TYR A 388 4.94 -11.33 -16.52
C TYR A 388 6.25 -11.81 -17.12
N SER A 389 6.20 -13.00 -17.71
CA SER A 389 7.28 -13.56 -18.50
C SER A 389 6.68 -14.21 -19.74
N SER A 390 7.47 -14.28 -20.80
CA SER A 390 7.03 -14.99 -22.00
C SER A 390 6.88 -16.46 -21.67
N PHE A 391 5.64 -16.96 -21.69
CA PHE A 391 5.39 -18.30 -21.17
C PHE A 391 6.06 -19.37 -22.02
N PRO A 392 5.74 -19.52 -23.31
CA PRO A 392 6.38 -20.58 -24.10
C PRO A 392 7.77 -20.18 -24.54
N SER A 393 8.78 -20.78 -23.90
CA SER A 393 10.15 -20.59 -24.34
C SER A 393 10.40 -21.37 -25.63
N GLN A 394 11.47 -21.01 -26.33
CA GLN A 394 11.80 -21.70 -27.57
C GLN A 394 12.05 -23.18 -27.31
N LYS A 395 12.56 -23.53 -26.14
CA LYS A 395 12.73 -24.94 -25.78
C LYS A 395 11.42 -25.57 -25.36
N ALA A 396 10.65 -24.86 -24.53
CA ALA A 396 9.37 -25.39 -24.06
C ALA A 396 8.32 -25.37 -25.17
N LEU A 397 8.41 -24.43 -26.10
CA LEU A 397 7.40 -24.31 -27.14
C LEU A 397 7.33 -25.58 -27.97
N LYS A 398 8.49 -26.13 -28.34
CA LYS A 398 8.51 -27.37 -29.09
C LYS A 398 8.26 -28.58 -28.20
N TYR A 399 8.45 -28.46 -26.89
CA TYR A 399 8.11 -29.55 -25.99
C TYR A 399 6.61 -29.67 -25.82
N LEU A 400 5.92 -28.54 -25.64
CA LEU A 400 4.47 -28.57 -25.51
C LEU A 400 3.78 -28.88 -26.83
N SER A 401 4.39 -28.48 -27.95
CA SER A 401 3.79 -28.77 -29.25
C SER A 401 3.61 -30.26 -29.46
N LYS A 402 4.63 -31.05 -29.13
CA LYS A 402 4.51 -32.50 -29.24
C LYS A 402 3.61 -33.07 -28.15
N LYS A 403 3.76 -32.58 -26.93
CA LYS A 403 2.99 -33.12 -25.81
C LYS A 403 1.49 -32.92 -26.03
N LEU A 404 1.10 -31.72 -26.47
CA LEU A 404 -0.31 -31.40 -26.68
C LEU A 404 -0.77 -31.67 -28.11
N ASN A 405 0.12 -32.09 -29.00
CA ASN A 405 -0.25 -32.45 -30.36
C ASN A 405 -0.96 -31.30 -31.07
N GLN A 406 -0.34 -30.12 -31.02
CA GLN A 406 -0.89 -28.94 -31.66
C GLN A 406 0.24 -28.07 -32.17
N SER A 407 -0.08 -27.24 -33.17
CA SER A 407 0.92 -26.41 -33.81
C SER A 407 1.44 -25.34 -32.85
N ARG A 408 2.65 -24.86 -33.13
CA ARG A 408 3.27 -23.86 -32.26
C ARG A 408 2.46 -22.57 -32.27
N LYS A 409 1.82 -22.24 -33.39
CA LYS A 409 0.97 -21.06 -33.42
C LYS A 409 -0.19 -21.19 -32.44
N TYR A 410 -0.78 -22.39 -32.37
CA TYR A 410 -1.88 -22.60 -31.42
C TYR A 410 -1.42 -22.38 -29.99
N ILE A 411 -0.24 -22.89 -29.65
CA ILE A 411 0.24 -22.80 -28.27
C ILE A 411 0.39 -21.35 -27.86
N ARG A 412 0.98 -20.53 -28.74
CA ARG A 412 1.28 -19.15 -28.37
C ARG A 412 0.00 -18.35 -28.15
N GLU A 413 -1.10 -18.75 -28.77
CA GLU A 413 -2.32 -17.95 -28.77
C GLU A 413 -3.40 -18.48 -27.84
N ASN A 414 -3.17 -19.59 -27.14
CA ASN A 414 -4.25 -20.21 -26.38
C ASN A 414 -3.88 -20.44 -24.92
N LEU A 415 -2.63 -20.80 -24.65
CA LEU A 415 -2.22 -21.20 -23.30
C LEU A 415 -2.03 -19.99 -22.42
N VAL A 416 -2.59 -20.05 -21.21
CA VAL A 416 -2.42 -19.04 -20.18
C VAL A 416 -1.87 -19.73 -18.94
N LYS A 417 -0.79 -19.17 -18.39
CA LYS A 417 -0.16 -19.70 -17.19
C LYS A 417 -0.26 -18.66 -16.09
N ILE A 418 -0.75 -19.07 -14.92
CA ILE A 418 -0.93 -18.19 -13.78
C ILE A 418 -0.26 -18.82 -12.57
N GLU A 419 0.14 -17.99 -11.62
CA GLU A 419 0.79 -18.45 -10.42
C GLU A 419 0.53 -17.43 -9.32
N ILE A 420 -0.26 -17.83 -8.32
CA ILE A 420 -0.64 -16.95 -7.22
C ILE A 420 0.07 -17.44 -5.97
N ASN A 421 0.84 -16.55 -5.34
CA ASN A 421 1.70 -16.91 -4.23
C ASN A 421 1.48 -15.94 -3.07
N TYR A 422 1.83 -16.40 -1.87
CA TYR A 422 1.88 -15.55 -0.69
C TYR A 422 3.26 -14.91 -0.59
N SER A 423 3.29 -13.61 -0.38
CA SER A 423 4.55 -12.91 -0.18
C SER A 423 5.18 -13.34 1.14
N ASP A 424 6.38 -12.84 1.41
CA ASP A 424 7.03 -13.11 2.69
C ASP A 424 6.28 -12.43 3.83
N LEU A 425 6.17 -11.10 3.78
CA LEU A 425 5.35 -10.35 4.73
C LEU A 425 3.90 -10.43 4.25
N ASN A 426 3.25 -11.55 4.57
CA ASN A 426 1.98 -11.92 3.98
C ASN A 426 0.78 -11.50 4.81
N TYR A 427 0.97 -10.78 5.92
CA TYR A 427 -0.13 -10.43 6.80
C TYR A 427 -0.01 -8.97 7.23
N LYS A 428 -1.16 -8.38 7.56
CA LYS A 428 -1.22 -7.01 8.03
C LYS A 428 -2.60 -6.74 8.59
N ILE A 429 -2.65 -6.10 9.76
CA ILE A 429 -3.92 -5.75 10.41
C ILE A 429 -3.90 -4.26 10.73
N THR A 430 -4.99 -3.58 10.39
CA THR A 430 -5.20 -2.19 10.76
C THR A 430 -6.39 -2.14 11.71
N GLN A 431 -6.19 -1.58 12.90
CA GLN A 431 -7.20 -1.54 13.94
C GLN A 431 -7.58 -0.10 14.22
N GLN A 432 -8.89 0.18 14.27
CA GLN A 432 -9.38 1.46 14.76
C GLN A 432 -9.74 1.30 16.23
N GLN A 433 -9.23 2.22 17.05
CA GLN A 433 -9.33 2.11 18.50
C GLN A 433 -10.05 3.33 19.06
N LYS A 434 -10.89 3.11 20.06
CA LYS A 434 -11.57 4.20 20.75
C LYS A 434 -10.57 4.93 21.62
N ALA A 435 -9.95 5.97 21.08
CA ALA A 435 -8.85 6.68 21.72
C ALA A 435 -9.07 6.86 23.21
N VAL A 436 -10.23 7.40 23.59
CA VAL A 436 -10.55 7.68 24.98
C VAL A 436 -11.90 7.06 25.32
N SER A 437 -11.92 6.25 26.38
CA SER A 437 -13.16 5.73 26.94
C SER A 437 -13.56 6.58 28.15
N VAL A 438 -14.67 6.20 28.78
CA VAL A 438 -15.14 6.96 29.93
C VAL A 438 -14.11 6.94 31.06
N SER A 439 -13.44 5.80 31.25
CA SER A 439 -12.38 5.74 32.25
C SER A 439 -11.22 6.66 31.88
N GLU A 440 -10.86 6.69 30.60
CA GLU A 440 -9.78 7.56 30.15
C GLU A 440 -10.12 9.04 30.36
N LEU A 441 -11.35 9.43 30.03
CA LEU A 441 -11.75 10.82 30.21
C LEU A 441 -11.72 11.20 31.69
N LEU A 442 -12.19 10.31 32.56
CA LEU A 442 -12.29 10.63 33.97
C LEU A 442 -10.93 10.91 34.61
N ALA A 443 -9.84 10.53 33.95
CA ALA A 443 -8.50 10.89 34.42
C ALA A 443 -8.14 12.31 34.00
N ASP A 444 -8.43 12.66 32.74
CA ASP A 444 -8.09 14.00 32.25
C ASP A 444 -8.82 15.08 33.02
N LEU A 445 -10.12 14.87 33.29
CA LEU A 445 -10.87 15.85 34.06
C LEU A 445 -10.33 15.94 35.49
N GLY A 446 -9.83 14.84 36.04
CA GLY A 446 -9.23 14.89 37.35
C GLY A 446 -7.95 15.70 37.39
N GLY A 447 -7.12 15.57 36.36
CA GLY A 447 -5.87 16.31 36.33
C GLY A 447 -6.08 17.81 36.25
N GLN A 448 -6.96 18.25 35.36
CA GLN A 448 -7.22 19.67 35.21
C GLN A 448 -7.84 20.25 36.47
N LEU A 449 -8.88 19.59 37.00
CA LEU A 449 -9.53 20.09 38.19
C LEU A 449 -8.57 20.16 39.37
N GLY A 450 -7.76 19.11 39.54
CA GLY A 450 -6.78 19.12 40.62
C GLY A 450 -5.67 20.13 40.41
N LEU A 451 -5.22 20.29 39.16
CA LEU A 451 -4.08 21.15 38.89
C LEU A 451 -4.37 22.60 39.28
N PHE A 452 -5.47 23.15 38.78
CA PHE A 452 -5.75 24.57 38.93
C PHE A 452 -6.41 24.91 40.26
N CYS A 453 -7.10 23.96 40.88
CA CYS A 453 -7.79 24.21 42.14
C CYS A 453 -7.58 23.13 43.18
N GLY A 454 -7.03 21.97 42.81
CA GLY A 454 -6.84 20.90 43.77
C GLY A 454 -8.15 20.39 44.32
N ALA A 455 -9.24 20.62 43.59
CA ALA A 455 -10.56 20.22 44.03
C ALA A 455 -10.80 18.75 43.70
N SER A 456 -11.97 18.26 44.13
CA SER A 456 -12.38 16.89 43.88
C SER A 456 -13.90 16.84 43.92
N LEU A 457 -14.45 15.73 43.43
CA LEU A 457 -15.91 15.57 43.44
C LEU A 457 -16.46 15.76 44.84
N ILE A 458 -15.69 15.41 45.87
CA ILE A 458 -16.12 15.65 47.24
C ILE A 458 -16.12 17.15 47.52
N THR A 459 -15.15 17.88 46.97
CA THR A 459 -15.11 19.32 47.15
C THR A 459 -16.35 19.99 46.56
N ILE A 460 -16.79 19.52 45.39
CA ILE A 460 -17.97 20.10 44.75
C ILE A 460 -19.20 19.88 45.63
N ILE A 461 -19.33 18.68 46.20
CA ILE A 461 -20.46 18.41 47.09
C ILE A 461 -20.42 19.34 48.29
N GLU A 462 -19.23 19.57 48.84
CA GLU A 462 -19.10 20.49 49.96
C GLU A 462 -19.61 21.88 49.60
N ILE A 463 -19.24 22.36 48.41
CA ILE A 463 -19.71 23.68 47.97
C ILE A 463 -21.22 23.69 47.84
N ILE A 464 -21.79 22.64 47.23
CA ILE A 464 -23.23 22.59 47.04
C ILE A 464 -23.94 22.60 48.39
N GLU A 465 -23.46 21.81 49.34
CA GLU A 465 -24.06 21.81 50.67
C GLU A 465 -23.94 23.17 51.33
N TYR A 466 -22.77 23.82 51.19
CA TYR A 466 -22.59 25.15 51.76
C TYR A 466 -23.55 26.14 51.12
N LEU A 467 -23.73 26.07 49.80
CA LEU A 467 -24.68 26.97 49.14
C LEU A 467 -26.10 26.68 49.60
N PHE A 468 -26.45 25.41 49.79
CA PHE A 468 -27.80 25.07 50.24
C PHE A 468 -28.09 25.68 51.59
N THR A 469 -27.14 25.60 52.53
CA THR A 469 -27.34 26.22 53.83
C THR A 469 -27.52 27.72 53.71
N ASN A 470 -26.73 28.36 52.84
CA ASN A 470 -26.88 29.80 52.62
C ASN A 470 -28.25 30.13 52.07
N PHE A 471 -28.74 29.31 51.13
CA PHE A 471 -30.06 29.53 50.55
C PHE A 471 -31.15 29.38 51.60
N ASP B 40 2.29 26.71 61.81
CA ASP B 40 1.82 27.91 61.13
C ASP B 40 1.42 27.59 59.69
N PHE B 41 2.37 27.75 58.76
CA PHE B 41 2.08 27.45 57.36
C PHE B 41 1.77 25.97 57.15
N ALA B 42 2.31 25.10 58.01
CA ALA B 42 2.06 23.68 57.87
C ALA B 42 0.58 23.36 58.07
N ILE B 43 -0.05 23.98 59.07
CA ILE B 43 -1.46 23.75 59.32
C ILE B 43 -2.34 24.35 58.24
N SER B 44 -1.84 25.34 57.50
CA SER B 44 -2.63 26.01 56.47
C SER B 44 -2.34 25.49 55.07
N THR B 45 -1.09 25.20 54.76
CA THR B 45 -0.73 24.74 53.42
C THR B 45 -1.40 23.40 53.12
N SER B 46 -1.78 23.23 51.86
CA SER B 46 -2.35 21.98 51.38
C SER B 46 -1.30 21.00 50.90
N PHE B 47 -0.02 21.38 50.90
CA PHE B 47 1.05 20.48 50.55
C PHE B 47 1.13 19.37 51.60
N HIS B 48 0.89 18.13 51.17
CA HIS B 48 0.82 17.02 52.11
C HIS B 48 2.18 16.79 52.77
N GLY B 49 2.14 16.16 53.95
CA GLY B 49 3.36 15.79 54.65
C GLY B 49 3.83 16.85 55.63
N ILE B 50 3.89 18.10 55.18
CA ILE B 50 4.44 19.16 56.03
C ILE B 50 3.62 19.30 57.30
N HIS B 51 2.32 19.00 57.23
CA HIS B 51 1.47 19.16 58.40
C HIS B 51 1.90 18.23 59.53
N ASN B 52 2.40 17.04 59.18
CA ASN B 52 2.92 16.11 60.17
C ASN B 52 4.17 16.65 60.83
N ILE B 53 5.01 17.35 60.05
CA ILE B 53 6.30 17.81 60.54
C ILE B 53 6.12 18.66 61.78
N VAL B 54 5.20 19.62 61.73
CA VAL B 54 4.98 20.54 62.84
C VAL B 54 4.00 19.94 63.83
N GLN B 55 2.86 19.44 63.32
CA GLN B 55 1.82 18.91 64.18
C GLN B 55 2.37 17.80 65.08
N ASN B 56 3.02 16.81 64.48
CA ASN B 56 3.63 15.73 65.26
C ASN B 56 5.09 16.06 65.52
N ARG B 57 5.43 16.30 66.78
CA ARG B 57 6.79 16.69 67.17
C ARG B 57 7.61 15.53 67.69
N SER B 58 7.11 14.30 67.59
CA SER B 58 7.89 13.14 67.97
C SER B 58 9.15 13.04 67.12
N LYS B 59 10.28 12.73 67.76
CA LYS B 59 11.56 12.76 67.07
C LYS B 59 11.53 11.89 65.81
N ILE B 60 11.04 10.66 65.94
CA ILE B 60 11.01 9.72 64.83
C ILE B 60 10.10 10.25 63.73
N ARG B 61 8.89 10.68 64.11
CA ARG B 61 7.92 11.16 63.12
C ARG B 61 8.30 12.54 62.60
N ARG B 62 8.69 13.45 63.50
CA ARG B 62 9.04 14.81 63.12
C ARG B 62 10.14 14.80 62.07
N VAL B 63 11.05 13.84 62.14
CA VAL B 63 12.15 13.74 61.18
C VAL B 63 11.78 12.87 59.98
N LEU B 64 11.06 11.76 60.22
CA LEU B 64 10.75 10.84 59.13
C LEU B 64 9.82 11.50 58.11
N TRP B 65 8.79 12.18 58.59
CA TRP B 65 7.79 12.76 57.69
C TRP B 65 8.42 13.74 56.71
N LEU B 66 9.32 14.58 57.20
CA LEU B 66 10.02 15.52 56.33
C LEU B 66 10.81 14.78 55.27
N VAL B 67 11.41 13.65 55.64
CA VAL B 67 12.18 12.85 54.68
C VAL B 67 11.30 12.39 53.55
N VAL B 68 10.10 11.90 53.86
CA VAL B 68 9.15 11.49 52.82
C VAL B 68 8.72 12.68 51.97
N VAL B 69 8.51 13.82 52.61
CA VAL B 69 8.15 15.05 51.91
C VAL B 69 9.26 15.36 50.89
N LEU B 70 10.50 15.34 51.35
CA LEU B 70 11.62 15.61 50.45
C LEU B 70 11.71 14.56 49.35
N GLY B 71 11.53 13.30 49.71
CA GLY B 71 11.62 12.22 48.75
C GLY B 71 10.62 12.35 47.63
N SER B 72 9.35 12.53 47.98
CA SER B 72 8.32 12.68 46.96
C SER B 72 8.46 13.98 46.17
N VAL B 73 8.84 15.07 46.84
CA VAL B 73 8.97 16.35 46.14
C VAL B 73 10.01 16.24 45.03
N SER B 74 11.16 15.65 45.32
CA SER B 74 12.17 15.44 44.28
C SER B 74 11.67 14.51 43.19
N LEU B 75 10.83 13.54 43.52
CA LEU B 75 10.23 12.68 42.51
C LEU B 75 9.30 13.48 41.59
N VAL B 76 8.58 14.44 42.14
CA VAL B 76 7.69 15.28 41.32
C VAL B 76 8.49 16.00 40.25
N THR B 77 9.62 16.61 40.65
CA THR B 77 10.40 17.40 39.71
C THR B 77 10.91 16.52 38.56
N TRP B 78 11.40 15.32 38.87
CA TRP B 78 11.86 14.42 37.83
C TRP B 78 10.72 14.02 36.90
N GLN B 79 9.57 13.66 37.46
CA GLN B 79 8.45 13.21 36.64
C GLN B 79 7.91 14.35 35.78
N ILE B 80 7.70 15.52 36.38
CA ILE B 80 7.26 16.68 35.60
C ILE B 80 8.29 17.02 34.54
N TYR B 81 9.57 16.96 34.88
CA TYR B 81 10.62 17.23 33.91
C TYR B 81 10.53 16.28 32.73
N ILE B 82 10.31 15.00 32.99
CA ILE B 82 10.15 14.04 31.90
C ILE B 82 8.92 14.38 31.07
N ARG B 83 7.82 14.76 31.72
CA ARG B 83 6.60 15.10 30.98
C ARG B 83 6.84 16.31 30.08
N LEU B 84 7.37 17.39 30.64
CA LEU B 84 7.63 18.59 29.83
C LEU B 84 8.66 18.29 28.75
N LEU B 85 9.70 17.53 29.09
CA LEU B 85 10.71 17.19 28.10
C LEU B 85 10.10 16.42 26.94
N ASN B 86 9.22 15.46 27.23
CA ASN B 86 8.58 14.69 26.18
C ASN B 86 7.65 15.56 25.33
N TYR B 87 6.95 16.49 25.97
CA TYR B 87 6.02 17.33 25.22
C TYR B 87 6.74 18.14 24.16
N PHE B 88 7.90 18.70 24.48
CA PHE B 88 8.59 19.58 23.55
C PHE B 88 9.20 18.82 22.38
N THR B 89 9.20 17.49 22.40
CA THR B 89 9.61 16.74 21.22
C THR B 89 8.59 16.81 20.11
N TRP B 90 7.39 17.35 20.37
CA TRP B 90 6.35 17.50 19.37
C TRP B 90 5.93 16.13 18.83
N PRO B 91 5.45 15.25 19.69
CA PRO B 91 5.00 13.93 19.20
C PRO B 91 3.71 14.05 18.41
N THR B 92 3.44 13.01 17.62
CA THR B 92 2.23 12.95 16.82
C THR B 92 1.76 11.52 16.69
N THR B 93 0.48 11.36 16.38
CA THR B 93 -0.12 10.06 16.10
C THR B 93 -0.99 10.20 14.86
N THR B 94 -1.19 9.08 14.18
CA THR B 94 -1.88 9.09 12.89
C THR B 94 -3.19 8.32 12.98
N SER B 95 -4.15 8.76 12.16
CA SER B 95 -5.44 8.10 12.03
C SER B 95 -5.65 7.73 10.57
N ILE B 96 -6.18 6.54 10.34
CA ILE B 96 -6.40 6.00 9.00
C ILE B 96 -7.87 5.70 8.83
N GLU B 97 -8.46 6.18 7.75
CA GLU B 97 -9.86 5.94 7.41
C GLU B 97 -9.93 5.39 5.99
N VAL B 98 -10.69 4.31 5.81
CA VAL B 98 -10.90 3.70 4.51
C VAL B 98 -12.39 3.45 4.34
N GLN B 99 -12.92 3.80 3.18
CA GLN B 99 -14.37 3.76 2.97
C GLN B 99 -14.66 3.66 1.48
N TYR B 100 -15.90 3.27 1.17
CA TYR B 100 -16.41 3.32 -0.19
C TYR B 100 -17.11 4.66 -0.42
N VAL B 101 -16.80 5.30 -1.54
CA VAL B 101 -17.45 6.54 -1.94
C VAL B 101 -18.20 6.23 -3.22
N GLU B 102 -19.53 6.12 -3.11
CA GLU B 102 -20.35 5.73 -4.27
C GLU B 102 -20.17 6.70 -5.43
N LYS B 103 -20.32 7.99 -5.15
CA LYS B 103 -20.15 9.04 -6.15
C LYS B 103 -18.96 9.90 -5.75
N MET B 104 -17.89 9.82 -6.55
CA MET B 104 -16.62 10.44 -6.19
C MET B 104 -16.02 11.06 -7.44
N GLU B 105 -15.16 12.05 -7.24
CA GLU B 105 -14.61 12.83 -8.35
C GLU B 105 -13.49 12.05 -9.02
N PHE B 106 -13.71 11.69 -10.29
CA PHE B 106 -12.67 11.01 -11.04
C PHE B 106 -11.49 11.95 -11.28
N PRO B 107 -10.26 11.45 -11.20
CA PRO B 107 -9.10 12.34 -11.44
C PRO B 107 -8.93 12.68 -12.90
N ALA B 108 -7.86 13.40 -13.22
CA ALA B 108 -7.52 13.74 -14.60
C ALA B 108 -6.39 12.85 -15.07
N VAL B 109 -6.44 12.45 -16.34
CA VAL B 109 -5.45 11.56 -16.93
C VAL B 109 -4.96 12.19 -18.23
N THR B 110 -3.64 12.20 -18.41
CA THR B 110 -3.01 12.78 -19.60
C THR B 110 -2.25 11.69 -20.34
N PHE B 111 -2.35 11.71 -21.66
CA PHE B 111 -1.79 10.68 -22.51
C PHE B 111 -0.82 11.30 -23.51
N CYS B 112 0.29 10.60 -23.74
CA CYS B 112 1.26 10.99 -24.75
C CYS B 112 1.70 9.76 -25.52
N ASN B 113 2.02 9.96 -26.79
CA ASN B 113 2.53 8.88 -27.62
C ASN B 113 4.03 8.72 -27.40
N LEU B 114 4.47 7.46 -27.28
CA LEU B 114 5.90 7.21 -27.08
C LEU B 114 6.71 7.57 -28.31
N ASN B 115 6.09 7.61 -29.49
CA ASN B 115 6.68 8.20 -30.67
C ASN B 115 6.13 9.62 -30.83
N ARG B 116 7.02 10.60 -30.94
CA ARG B 116 6.67 11.99 -30.68
C ARG B 116 6.49 12.84 -31.92
N PHE B 117 7.06 12.47 -33.05
CA PHE B 117 7.06 13.32 -34.23
C PHE B 117 6.44 12.59 -35.41
N GLN B 118 5.76 13.34 -36.28
CA GLN B 118 5.23 12.79 -37.51
C GLN B 118 6.38 12.33 -38.40
N THR B 119 6.22 11.16 -39.00
CA THR B 119 7.34 10.54 -39.72
C THR B 119 7.76 11.40 -40.91
N ASP B 120 6.80 11.96 -41.65
CA ASP B 120 7.15 12.72 -42.83
C ASP B 120 7.57 14.16 -42.53
N ALA B 121 7.29 14.64 -41.31
CA ALA B 121 7.71 15.97 -40.92
C ALA B 121 9.14 16.03 -40.41
N VAL B 122 9.77 14.87 -40.18
CA VAL B 122 11.13 14.82 -39.64
C VAL B 122 12.07 14.02 -40.54
N ALA B 123 11.60 13.45 -41.64
CA ALA B 123 12.47 12.65 -42.49
C ALA B 123 13.62 13.49 -43.03
N LYS B 124 13.33 14.71 -43.49
CA LYS B 124 14.34 15.61 -44.03
C LYS B 124 14.81 16.66 -43.04
N PHE B 125 14.37 16.56 -41.78
CA PHE B 125 14.67 17.55 -40.74
C PHE B 125 15.11 16.85 -39.47
N GLY B 126 16.05 15.92 -39.60
CA GLY B 126 16.49 15.12 -38.46
C GLY B 126 17.12 15.93 -37.35
N VAL B 127 17.48 17.19 -37.60
CA VAL B 127 18.07 18.03 -36.56
C VAL B 127 17.13 18.21 -35.39
N ILE B 128 15.83 18.08 -35.61
CA ILE B 128 14.85 18.45 -34.59
C ILE B 128 15.03 17.62 -33.33
N PHE B 129 15.49 16.38 -33.46
CA PHE B 129 15.62 15.52 -32.29
C PHE B 129 16.58 16.11 -31.27
N PHE B 130 17.70 16.66 -31.75
CA PHE B 130 18.65 17.29 -30.84
C PHE B 130 18.14 18.65 -30.38
N LEU B 131 17.47 19.38 -31.27
CA LEU B 131 16.88 20.66 -30.87
C LEU B 131 15.85 20.46 -29.76
N TRP B 132 14.97 19.48 -29.92
CA TRP B 132 13.99 19.20 -28.88
C TRP B 132 14.65 18.69 -27.61
N HIS B 133 15.73 17.92 -27.74
CA HIS B 133 16.45 17.47 -26.56
C HIS B 133 16.99 18.65 -25.77
N ILE B 134 17.61 19.61 -26.46
CA ILE B 134 18.14 20.80 -25.79
C ILE B 134 17.00 21.61 -25.20
N VAL B 135 15.95 21.85 -26.00
CA VAL B 135 14.85 22.69 -25.56
C VAL B 135 14.13 22.04 -24.38
N SER B 136 13.87 20.74 -24.47
CA SER B 136 13.16 20.02 -23.42
C SER B 136 14.02 19.76 -22.19
N LYS B 137 15.23 20.32 -22.12
CA LYS B 137 16.09 20.07 -20.96
C LYS B 137 15.49 20.65 -19.69
N VAL B 138 14.51 21.54 -19.82
CA VAL B 138 13.90 22.14 -18.63
C VAL B 138 13.16 21.08 -17.82
N LEU B 139 12.35 20.27 -18.50
CA LEU B 139 11.57 19.25 -17.81
C LEU B 139 12.45 18.05 -17.44
N HIS B 140 13.03 17.40 -18.44
CA HIS B 140 14.02 16.36 -18.22
C HIS B 140 15.38 17.03 -18.02
N LEU B 141 16.03 16.74 -16.90
CA LEU B 141 17.30 17.34 -16.58
C LEU B 141 18.48 16.48 -17.00
N GLN B 142 18.22 15.38 -17.71
CA GLN B 142 19.30 14.55 -18.24
C GLN B 142 20.31 15.40 -18.97
N GLU B 143 21.59 15.20 -18.64
CA GLU B 143 22.64 16.04 -19.18
C GLU B 143 22.83 15.78 -20.67
N ILE B 144 23.50 16.72 -21.33
CA ILE B 144 23.74 16.68 -22.76
C ILE B 144 25.24 16.81 -23.00
N THR B 145 25.79 15.93 -23.84
CA THR B 145 27.23 15.88 -24.08
C THR B 145 27.59 16.88 -25.18
N ALA B 146 28.40 17.88 -24.83
CA ALA B 146 28.90 18.81 -25.82
C ALA B 146 29.93 18.14 -26.71
N ASN B 147 30.14 18.71 -27.89
CA ASN B 147 31.04 18.27 -28.95
C ASN B 147 30.53 17.03 -29.68
N SER B 148 29.36 16.51 -29.32
CA SER B 148 28.79 15.40 -30.05
C SER B 148 28.37 15.83 -31.44
N THR B 149 28.29 14.86 -32.36
CA THR B 149 27.90 15.18 -33.73
C THR B 149 26.51 15.80 -33.77
N GLY B 150 25.56 15.25 -33.01
CA GLY B 150 24.22 15.81 -33.01
C GLY B 150 24.19 17.23 -32.47
N SER B 151 24.85 17.45 -31.33
CA SER B 151 24.84 18.77 -30.73
C SER B 151 25.59 19.80 -31.56
N ARG B 152 26.53 19.36 -32.39
CA ARG B 152 27.23 20.29 -33.25
C ARG B 152 26.36 20.72 -34.43
N GLU B 153 25.56 19.80 -34.95
CA GLU B 153 24.66 20.13 -36.05
C GLU B 153 23.56 21.09 -35.58
N ALA B 154 22.96 20.80 -34.43
CA ALA B 154 21.90 21.66 -33.92
C ALA B 154 22.44 23.06 -33.63
N THR B 155 23.60 23.15 -32.99
CA THR B 155 24.17 24.46 -32.67
C THR B 155 24.41 25.28 -33.93
N ASP B 156 24.96 24.63 -34.97
CA ASP B 156 25.17 25.34 -36.23
C ASP B 156 23.84 25.76 -36.85
N PHE B 157 22.81 24.92 -36.72
CA PHE B 157 21.50 25.27 -37.26
C PHE B 157 20.88 26.43 -36.51
N ALA B 158 20.92 26.39 -35.17
CA ALA B 158 20.32 27.46 -34.39
C ALA B 158 20.96 28.81 -34.70
N ALA B 159 22.28 28.83 -34.87
CA ALA B 159 22.95 30.08 -35.19
C ALA B 159 22.47 30.68 -36.50
N SER B 160 21.99 29.83 -37.42
CA SER B 160 21.53 30.29 -38.73
C SER B 160 20.02 30.53 -38.75
N HIS B 161 19.23 29.52 -38.41
CA HIS B 161 17.78 29.64 -38.41
C HIS B 161 17.33 30.18 -37.06
N GLN B 162 17.54 31.48 -36.87
CA GLN B 162 17.07 32.16 -35.67
C GLN B 162 15.59 32.49 -35.71
N ASN B 163 14.96 32.39 -36.89
CA ASN B 163 13.52 32.60 -36.99
C ASN B 163 12.75 31.40 -36.47
N PHE B 164 13.35 30.22 -36.52
CA PHE B 164 12.65 28.98 -36.21
C PHE B 164 11.93 29.07 -34.88
N SER B 165 10.65 28.70 -34.88
CA SER B 165 9.80 28.70 -33.70
C SER B 165 9.54 27.26 -33.32
N ILE B 166 10.22 26.78 -32.27
CA ILE B 166 10.10 25.37 -31.90
C ILE B 166 8.68 25.06 -31.47
N VAL B 167 8.03 25.98 -30.76
CA VAL B 167 6.67 25.72 -30.26
C VAL B 167 5.71 25.52 -31.42
N GLU B 168 5.81 26.35 -32.46
CA GLU B 168 4.94 26.19 -33.61
C GLU B 168 5.17 24.86 -34.30
N PHE B 169 6.44 24.47 -34.45
CA PHE B 169 6.75 23.21 -35.12
C PHE B 169 6.20 22.02 -34.34
N ILE B 170 6.50 21.95 -33.05
CA ILE B 170 6.11 20.79 -32.26
C ILE B 170 4.59 20.70 -32.17
N ARG B 171 3.91 21.84 -32.08
CA ARG B 171 2.46 21.82 -32.01
C ARG B 171 1.85 21.27 -33.28
N ASN B 172 2.40 21.65 -34.45
CA ASN B 172 1.83 21.21 -35.71
C ASN B 172 2.34 19.84 -36.13
N LYS B 173 3.62 19.55 -35.87
CA LYS B 173 4.27 18.35 -36.37
C LYS B 173 4.50 17.31 -35.28
N GLY B 174 3.52 17.15 -34.38
CA GLY B 174 3.63 16.16 -33.33
C GLY B 174 2.41 15.26 -33.24
N PHE B 175 2.23 14.61 -32.10
CA PHE B 175 1.06 13.78 -31.87
C PHE B 175 -0.20 14.64 -31.85
N TYR B 176 -1.32 14.02 -32.21
CA TYR B 176 -2.60 14.73 -32.22
C TYR B 176 -3.73 13.74 -31.97
N LEU B 177 -4.77 14.21 -31.30
CA LEU B 177 -5.98 13.44 -31.09
C LEU B 177 -6.94 13.69 -32.24
N ASN B 178 -7.44 12.61 -32.83
CA ASN B 178 -8.25 12.70 -34.04
C ASN B 178 -9.05 11.42 -34.16
N ASN B 179 -10.03 11.44 -35.08
CA ASN B 179 -10.81 10.24 -35.32
C ASN B 179 -9.93 9.09 -35.79
N SER B 180 -8.80 9.39 -36.43
CA SER B 180 -7.88 8.35 -36.87
C SER B 180 -6.92 7.92 -35.77
N THR B 181 -6.88 8.64 -34.65
CA THR B 181 -5.98 8.34 -33.55
C THR B 181 -6.70 7.84 -32.31
N LEU B 182 -7.90 8.35 -32.05
CA LEU B 182 -8.72 7.93 -30.91
C LEU B 182 -9.93 7.21 -31.47
N LEU B 183 -9.78 5.90 -31.68
CA LEU B 183 -10.84 5.13 -32.33
C LEU B 183 -12.11 5.10 -31.49
N ASP B 184 -11.99 4.91 -30.18
CA ASP B 184 -13.14 4.80 -29.31
C ASP B 184 -12.79 5.34 -27.93
N CYS B 185 -13.80 5.83 -27.22
CA CYS B 185 -13.60 6.35 -25.89
C CYS B 185 -14.96 6.47 -25.21
N GLU B 186 -14.99 6.16 -23.91
CA GLU B 186 -16.22 6.22 -23.14
C GLU B 186 -15.89 6.51 -21.69
N PHE B 187 -16.69 7.37 -21.07
CA PHE B 187 -16.51 7.75 -19.67
C PHE B 187 -17.80 7.42 -18.92
N PHE B 188 -17.73 6.44 -18.03
CA PHE B 188 -18.89 6.03 -17.24
C PHE B 188 -20.08 5.70 -18.14
N GLY B 189 -19.80 5.07 -19.27
CA GLY B 189 -20.84 4.67 -20.20
C GLY B 189 -21.29 5.75 -21.16
N LYS B 190 -20.80 6.98 -21.02
CA LYS B 190 -21.18 8.05 -21.92
C LYS B 190 -20.10 8.26 -22.97
N PRO B 191 -20.41 8.19 -24.27
CA PRO B 191 -19.36 8.39 -25.28
C PRO B 191 -18.72 9.76 -25.13
N CYS B 192 -17.41 9.81 -25.38
CA CYS B 192 -16.63 11.03 -25.31
C CYS B 192 -15.85 11.19 -26.61
N SER B 193 -15.48 12.43 -26.90
CA SER B 193 -14.89 12.83 -28.18
C SER B 193 -13.56 13.51 -27.96
N PRO B 194 -12.73 13.62 -29.00
CA PRO B 194 -11.44 14.30 -28.85
C PRO B 194 -11.58 15.71 -28.32
N LYS B 195 -12.73 16.33 -28.55
CA LYS B 195 -12.98 17.67 -28.03
C LYS B 195 -13.02 17.72 -26.51
N ASP B 196 -13.10 16.57 -25.84
CA ASP B 196 -13.10 16.52 -24.39
C ASP B 196 -11.69 16.49 -23.80
N PHE B 197 -10.66 16.53 -24.65
CA PHE B 197 -9.27 16.48 -24.21
C PHE B 197 -8.64 17.85 -24.39
N ALA B 198 -7.89 18.30 -23.39
CA ALA B 198 -7.17 19.56 -23.45
C ALA B 198 -5.71 19.31 -23.77
N HIS B 199 -5.18 20.10 -24.71
CA HIS B 199 -3.82 19.92 -25.16
C HIS B 199 -2.83 20.46 -24.13
N VAL B 200 -1.71 19.76 -23.99
CA VAL B 200 -0.67 20.14 -23.03
C VAL B 200 0.69 19.80 -23.63
N PHE B 201 1.67 20.67 -23.40
CA PHE B 201 3.03 20.39 -23.84
C PHE B 201 3.78 19.60 -22.77
N THR B 202 4.72 18.79 -23.22
CA THR B 202 5.51 17.94 -22.32
C THR B 202 6.77 17.53 -23.07
N GLU B 203 7.69 16.91 -22.34
CA GLU B 203 8.91 16.42 -22.97
C GLU B 203 8.61 15.39 -24.05
N TYR B 204 7.43 14.79 -24.03
CA TYR B 204 7.01 13.85 -25.05
C TYR B 204 6.31 14.53 -26.23
N GLY B 205 6.27 15.86 -26.24
CA GLY B 205 5.62 16.59 -27.32
C GLY B 205 4.21 16.99 -26.95
N ASN B 206 3.28 16.84 -27.89
CA ASN B 206 1.89 17.15 -27.61
C ASN B 206 1.28 16.08 -26.71
N CYS B 207 0.66 16.51 -25.62
CA CYS B 207 -0.01 15.61 -24.69
C CYS B 207 -1.40 16.15 -24.39
N PHE B 208 -2.36 15.22 -24.25
CA PHE B 208 -3.76 15.57 -24.12
C PHE B 208 -4.30 15.01 -22.82
N THR B 209 -4.97 15.85 -22.04
CA THR B 209 -5.47 15.48 -20.72
C THR B 209 -6.99 15.41 -20.73
N PHE B 210 -7.52 14.38 -20.09
CA PHE B 210 -8.95 14.14 -20.02
C PHE B 210 -9.49 14.56 -18.67
N ASN B 211 -10.76 15.00 -18.67
CA ASN B 211 -11.42 15.43 -17.44
C ASN B 211 -10.70 16.61 -16.79
N HIS B 212 -10.08 17.45 -17.62
CA HIS B 212 -9.37 18.61 -17.12
C HIS B 212 -10.33 19.55 -16.39
N GLY B 213 -9.75 20.50 -15.67
CA GLY B 213 -10.54 21.48 -14.92
C GLY B 213 -11.57 22.18 -15.78
N VAL B 224 -17.93 5.62 -8.99
CA VAL B 224 -18.64 4.39 -8.64
C VAL B 224 -17.69 3.21 -8.83
N SER B 225 -17.81 2.22 -7.95
CA SER B 225 -16.92 1.07 -7.99
C SER B 225 -17.04 0.32 -9.31
N GLY B 226 -15.89 -0.04 -9.88
CA GLY B 226 -15.88 -0.83 -11.09
C GLY B 226 -16.23 -0.08 -12.36
N ARG B 227 -16.16 1.25 -12.33
CA ARG B 227 -16.47 2.07 -13.50
C ARG B 227 -15.44 3.18 -13.62
N GLY B 228 -15.24 3.64 -14.86
CA GLY B 228 -14.27 4.68 -15.11
C GLY B 228 -14.13 5.02 -16.58
N LEU B 229 -12.89 5.22 -17.02
CA LEU B 229 -12.59 5.68 -18.37
C LEU B 229 -12.08 4.51 -19.21
N SER B 230 -12.60 4.39 -20.43
CA SER B 230 -12.20 3.34 -21.37
C SER B 230 -11.82 3.99 -22.68
N LEU B 231 -10.66 3.59 -23.22
CA LEU B 231 -10.11 4.23 -24.41
C LEU B 231 -9.58 3.17 -25.36
N LEU B 232 -9.41 3.57 -26.62
CA LEU B 232 -8.79 2.75 -27.64
C LEU B 232 -8.00 3.65 -28.57
N PHE B 233 -6.69 3.51 -28.59
CA PHE B 233 -5.80 4.36 -29.36
C PHE B 233 -5.32 3.65 -30.62
N ASN B 234 -4.86 4.44 -31.58
CA ASN B 234 -4.21 3.96 -32.79
C ASN B 234 -2.87 4.66 -32.87
N VAL B 235 -1.85 4.04 -32.29
CA VAL B 235 -0.53 4.67 -32.21
C VAL B 235 -0.01 4.99 -33.61
N ASN B 236 -0.35 4.18 -34.60
CA ASN B 236 0.01 4.44 -35.99
C ASN B 236 1.52 4.59 -36.14
N GLN B 237 2.24 3.49 -35.86
CA GLN B 237 3.69 3.52 -35.95
C GLN B 237 4.16 3.92 -37.33
N GLU B 238 3.35 3.69 -38.36
CA GLU B 238 3.70 4.10 -39.72
C GLU B 238 3.66 5.60 -39.90
N ALA B 239 3.07 6.35 -38.97
CA ALA B 239 2.91 7.79 -39.09
C ALA B 239 3.73 8.59 -38.09
N PHE B 240 3.97 8.04 -36.90
CA PHE B 240 4.74 8.71 -35.87
C PHE B 240 6.02 7.92 -35.60
N THR B 241 7.14 8.64 -35.52
CA THR B 241 8.43 8.02 -35.25
C THR B 241 9.27 8.98 -34.43
N ASP B 242 10.45 8.53 -34.03
CA ASP B 242 11.42 9.37 -33.34
C ASP B 242 12.75 8.64 -33.32
N ASN B 243 13.77 9.30 -32.78
CA ASN B 243 15.13 8.80 -32.87
C ASN B 243 15.35 7.67 -31.88
N PRO B 244 15.74 6.46 -32.33
CA PRO B 244 16.10 5.42 -31.37
C PRO B 244 17.50 5.57 -30.82
N ALA B 245 18.39 6.28 -31.52
CA ALA B 245 19.74 6.48 -31.01
C ALA B 245 19.77 7.33 -29.75
N LEU B 246 18.68 8.03 -29.45
CA LEU B 246 18.57 8.84 -28.24
C LEU B 246 17.86 8.11 -27.10
N GLY B 247 17.57 6.82 -27.28
CA GLY B 247 16.95 6.03 -26.24
C GLY B 247 15.46 5.86 -26.34
N PHE B 248 14.85 6.22 -27.47
CA PHE B 248 13.41 6.06 -27.67
C PHE B 248 13.21 4.85 -28.57
N VAL B 249 12.97 3.69 -27.96
CA VAL B 249 12.91 2.44 -28.68
C VAL B 249 11.55 1.77 -28.50
N ASP B 250 10.89 2.04 -27.39
CA ASP B 250 9.62 1.40 -27.06
C ASP B 250 8.48 2.12 -27.77
N ALA B 251 7.42 1.36 -28.04
CA ALA B 251 6.21 1.89 -28.68
C ALA B 251 5.00 1.57 -27.82
N GLY B 252 4.11 2.53 -27.70
CA GLY B 252 2.93 2.38 -26.87
C GLY B 252 2.41 3.74 -26.46
N ILE B 253 1.74 3.77 -25.31
CA ILE B 253 1.16 4.98 -24.76
C ILE B 253 1.68 5.15 -23.34
N ILE B 254 2.05 6.39 -23.00
CA ILE B 254 2.50 6.74 -21.65
C ILE B 254 1.52 7.76 -21.09
N PHE B 255 1.09 7.54 -19.86
CA PHE B 255 0.11 8.42 -19.23
C PHE B 255 0.39 8.50 -17.74
N VAL B 256 -0.14 9.55 -17.11
CA VAL B 256 -0.02 9.76 -15.68
C VAL B 256 -1.37 10.22 -15.15
N ILE B 257 -1.73 9.73 -13.97
CA ILE B 257 -2.99 10.06 -13.32
C ILE B 257 -2.70 11.08 -12.23
N HIS B 258 -3.41 12.22 -12.28
CA HIS B 258 -3.12 13.34 -11.40
C HIS B 258 -4.40 14.07 -11.09
N SER B 259 -4.34 14.90 -10.04
CA SER B 259 -5.47 15.74 -9.70
C SER B 259 -5.67 16.80 -10.79
N PRO B 260 -6.91 17.22 -11.03
CA PRO B 260 -7.15 18.20 -12.10
C PRO B 260 -6.44 19.52 -11.87
N LYS B 261 -6.08 19.84 -10.63
CA LYS B 261 -5.46 21.12 -10.32
C LYS B 261 -3.95 21.12 -10.48
N LYS B 262 -3.34 19.97 -10.77
CA LYS B 262 -1.90 19.85 -10.85
C LYS B 262 -1.47 19.63 -12.30
N VAL B 263 -0.40 20.31 -12.69
CA VAL B 263 0.18 20.08 -14.02
C VAL B 263 0.85 18.71 -14.02
N PRO B 264 0.60 17.86 -15.01
CA PRO B 264 1.21 16.52 -15.00
C PRO B 264 2.72 16.60 -15.05
N GLN B 265 3.36 15.65 -14.37
CA GLN B 265 4.81 15.54 -14.34
C GLN B 265 5.18 14.14 -14.80
N PHE B 266 5.49 13.99 -16.09
CA PHE B 266 5.79 12.67 -16.62
C PHE B 266 7.15 12.18 -16.16
N ASP B 267 8.21 12.87 -16.56
CA ASP B 267 9.56 12.46 -16.20
C ASP B 267 9.72 10.95 -16.39
N GLY B 268 10.35 10.27 -15.44
CA GLY B 268 10.41 8.82 -15.48
C GLY B 268 9.35 8.19 -14.60
N LEU B 269 8.25 8.89 -14.39
CA LEU B 269 7.22 8.47 -13.45
C LEU B 269 5.92 8.03 -14.11
N GLY B 270 5.73 8.29 -15.40
CA GLY B 270 4.48 7.94 -16.05
C GLY B 270 4.31 6.45 -16.18
N LEU B 271 3.05 6.02 -16.21
CA LEU B 271 2.73 4.63 -16.46
C LEU B 271 2.78 4.34 -17.95
N LEU B 272 2.85 3.05 -18.28
CA LEU B 272 3.01 2.61 -19.66
C LEU B 272 1.94 1.60 -20.03
N SER B 273 1.73 1.44 -21.33
CA SER B 273 0.79 0.48 -21.86
C SER B 273 1.31 0.04 -23.22
N PRO B 274 1.43 -1.25 -23.49
CA PRO B 274 1.98 -1.71 -24.77
C PRO B 274 0.91 -1.81 -25.86
N VAL B 275 1.37 -1.92 -27.09
CA VAL B 275 0.47 -2.14 -28.22
C VAL B 275 0.11 -3.61 -28.29
N GLY B 276 -1.13 -3.89 -28.66
CA GLY B 276 -1.59 -5.26 -28.77
C GLY B 276 -2.02 -5.90 -27.46
N MET B 277 -2.21 -5.12 -26.40
CA MET B 277 -2.69 -5.63 -25.14
C MET B 277 -3.71 -4.67 -24.56
N HIS B 278 -4.63 -5.20 -23.75
CA HIS B 278 -5.65 -4.41 -23.07
C HIS B 278 -5.25 -4.27 -21.61
N ALA B 279 -5.04 -3.04 -21.17
CA ALA B 279 -4.58 -2.77 -19.81
C ALA B 279 -5.74 -2.30 -18.95
N ARG B 280 -5.94 -2.96 -17.82
CA ARG B 280 -6.96 -2.60 -16.85
C ARG B 280 -6.27 -2.01 -15.63
N VAL B 281 -6.52 -0.74 -15.37
CA VAL B 281 -5.90 -0.02 -14.26
C VAL B 281 -6.98 0.31 -13.25
N THR B 282 -6.75 -0.10 -12.00
CA THR B 282 -7.65 0.21 -10.89
C THR B 282 -6.95 1.18 -9.97
N ILE B 283 -7.59 2.32 -9.70
CA ILE B 283 -7.00 3.39 -8.93
C ILE B 283 -7.77 3.56 -7.63
N ARG B 284 -7.06 3.99 -6.60
CA ARG B 284 -7.64 4.33 -5.31
C ARG B 284 -7.06 5.67 -4.88
N GLN B 285 -7.93 6.58 -4.44
CA GLN B 285 -7.47 7.88 -3.97
C GLN B 285 -6.94 7.76 -2.54
N VAL B 286 -5.70 8.17 -2.34
CA VAL B 286 -5.04 8.11 -1.04
C VAL B 286 -4.64 9.55 -0.71
N LYS B 287 -5.22 10.09 0.36
CA LYS B 287 -4.94 11.45 0.80
C LYS B 287 -4.20 11.41 2.13
N THR B 288 -3.23 12.30 2.29
CA THR B 288 -2.46 12.41 3.52
C THR B 288 -2.38 13.87 3.94
N VAL B 289 -2.41 14.11 5.24
CA VAL B 289 -2.37 15.46 5.80
C VAL B 289 -1.18 15.55 6.74
N HIS B 290 -0.40 16.62 6.62
CA HIS B 290 0.78 16.83 7.43
C HIS B 290 0.58 18.06 8.31
N GLN B 291 1.13 18.01 9.51
CA GLN B 291 1.07 19.13 10.43
C GLN B 291 2.15 20.15 10.09
N GLU B 292 2.09 21.31 10.75
CA GLU B 292 3.01 22.39 10.46
C GLU B 292 4.44 21.99 10.86
N TYR B 293 5.37 22.92 10.70
CA TYR B 293 6.79 22.60 10.82
C TYR B 293 7.14 21.93 12.15
N PRO B 294 6.73 22.43 13.31
CA PRO B 294 7.16 21.78 14.56
C PRO B 294 6.78 20.30 14.63
N TRP B 295 5.60 19.94 14.15
CA TRP B 295 5.13 18.56 14.18
C TRP B 295 5.36 17.81 12.89
N GLY B 296 5.26 18.48 11.74
CA GLY B 296 5.50 17.86 10.46
C GLY B 296 6.41 18.71 9.60
N GLU B 297 6.54 18.37 8.31
CA GLU B 297 7.39 19.13 7.40
C GLU B 297 6.65 20.23 6.67
N CYS B 298 5.33 20.31 6.81
CA CYS B 298 4.56 21.29 6.05
C CYS B 298 4.99 22.72 6.39
N ASN B 299 4.45 23.65 5.62
CA ASN B 299 4.69 25.08 5.84
C ASN B 299 3.59 25.87 5.12
N PRO B 300 2.41 26.01 5.72
CA PRO B 300 1.30 26.66 5.00
C PRO B 300 1.59 28.10 4.61
N ASN B 301 2.59 28.74 5.22
CA ASN B 301 2.88 30.14 4.90
C ASN B 301 3.24 30.30 3.43
N ILE B 302 4.03 29.37 2.88
CA ILE B 302 4.47 29.50 1.49
C ILE B 302 3.28 29.36 0.55
N LYS B 303 3.20 30.25 -0.43
CA LYS B 303 2.17 30.21 -1.45
C LYS B 303 2.80 30.52 -2.80
N LEU B 304 2.24 29.92 -3.85
CA LEU B 304 2.79 30.07 -5.18
C LEU B 304 2.32 31.37 -5.83
N GLN B 305 2.78 31.59 -7.06
CA GLN B 305 2.42 32.81 -7.77
C GLN B 305 0.92 32.83 -8.06
N ASN B 306 0.34 34.04 -8.03
CA ASN B 306 -1.10 34.23 -8.17
C ASN B 306 -1.86 33.57 -7.01
N PHE B 307 -1.17 33.32 -5.90
CA PHE B 307 -1.77 32.71 -4.72
C PHE B 307 -2.43 31.37 -5.06
N SER B 308 -1.89 30.65 -6.03
CA SER B 308 -2.44 29.36 -6.41
C SER B 308 -2.16 28.32 -5.33
N SER B 309 -2.94 27.26 -5.34
CA SER B 309 -2.76 26.19 -4.36
C SER B 309 -1.35 25.64 -4.45
N TYR B 310 -0.71 25.49 -3.29
CA TYR B 310 0.68 25.06 -3.26
C TYR B 310 0.80 23.57 -3.57
N SER B 311 1.88 23.22 -4.26
CA SER B 311 2.21 21.83 -4.54
C SER B 311 3.72 21.73 -4.74
N THR B 312 4.31 20.65 -4.24
CA THR B 312 5.76 20.52 -4.29
C THR B 312 6.28 20.68 -5.72
N SER B 313 5.63 20.01 -6.67
CA SER B 313 6.04 20.15 -8.06
C SER B 313 5.87 21.57 -8.55
N GLY B 314 4.79 22.24 -8.14
CA GLY B 314 4.60 23.63 -8.54
C GLY B 314 5.70 24.54 -8.06
N CYS B 315 6.17 24.33 -6.82
CA CYS B 315 7.25 25.15 -6.29
C CYS B 315 8.52 24.94 -7.11
N LEU B 316 8.83 23.69 -7.46
CA LEU B 316 10.04 23.42 -8.23
C LEU B 316 9.98 24.12 -9.59
N LYS B 317 8.86 24.00 -10.30
CA LYS B 317 8.74 24.68 -11.59
C LYS B 317 8.83 26.19 -11.42
N GLU B 318 8.15 26.73 -10.41
CA GLU B 318 8.22 28.16 -10.16
C GLU B 318 9.63 28.57 -9.74
N CYS B 319 10.28 27.75 -8.92
CA CYS B 319 11.65 28.06 -8.49
C CYS B 319 12.59 28.11 -9.67
N LYS B 320 12.55 27.09 -10.54
CA LYS B 320 13.44 27.06 -11.69
C LYS B 320 13.16 28.23 -12.62
N ALA B 321 11.88 28.53 -12.87
CA ALA B 321 11.55 29.60 -13.80
C ALA B 321 12.12 30.93 -13.33
N GLN B 322 12.06 31.20 -12.02
CA GLN B 322 12.58 32.46 -11.51
C GLN B 322 14.07 32.60 -11.80
N HIS B 323 14.85 31.54 -11.53
CA HIS B 323 16.29 31.62 -11.73
C HIS B 323 16.62 31.83 -13.21
N ILE B 324 15.93 31.13 -14.10
CA ILE B 324 16.20 31.27 -15.52
C ILE B 324 15.90 32.68 -15.99
N LYS B 325 14.87 33.31 -15.41
CA LYS B 325 14.53 34.67 -15.78
C LYS B 325 15.56 35.67 -15.25
N LYS B 326 16.33 35.29 -14.24
CA LYS B 326 17.38 36.18 -13.73
C LYS B 326 18.59 36.15 -14.66
N GLN B 327 19.19 34.97 -14.84
CA GLN B 327 20.37 34.85 -15.69
C GLN B 327 20.06 35.23 -17.13
N CYS B 328 18.92 34.79 -17.65
CA CYS B 328 18.47 35.12 -18.99
C CYS B 328 17.16 35.88 -18.90
N GLY B 329 16.91 36.73 -19.90
CA GLY B 329 15.74 37.59 -19.89
C GLY B 329 14.44 36.94 -20.31
N CYS B 330 14.45 35.65 -20.63
CA CYS B 330 13.26 34.97 -21.12
C CYS B 330 13.12 33.64 -20.41
N VAL B 331 11.90 33.11 -20.41
CA VAL B 331 11.58 31.85 -19.76
C VAL B 331 11.21 30.82 -20.83
N PRO B 332 11.62 29.56 -20.71
CA PRO B 332 11.22 28.56 -21.70
C PRO B 332 9.72 28.36 -21.72
N PHE B 333 9.19 28.02 -22.90
CA PHE B 333 7.75 27.84 -23.06
C PHE B 333 7.23 26.60 -22.35
N LEU B 334 8.10 25.73 -21.86
CA LEU B 334 7.68 24.59 -21.05
C LEU B 334 7.38 24.99 -19.61
N LEU B 335 7.63 26.25 -19.24
CA LEU B 335 7.23 26.82 -17.96
C LEU B 335 6.30 27.98 -18.32
N PRO B 336 4.99 27.71 -18.46
CA PRO B 336 4.15 28.61 -19.27
C PRO B 336 4.03 30.03 -18.73
N GLY B 337 3.57 30.19 -17.49
CA GLY B 337 3.00 31.45 -17.05
C GLY B 337 4.02 32.43 -16.46
N TYR B 338 5.30 32.12 -16.50
CA TYR B 338 6.29 32.89 -15.76
C TYR B 338 6.99 33.96 -16.59
N GLY B 339 6.59 34.19 -17.83
CA GLY B 339 7.12 35.29 -18.59
C GLY B 339 7.17 34.97 -20.07
N ILE B 340 8.12 35.62 -20.75
CA ILE B 340 8.22 35.58 -22.20
C ILE B 340 8.97 34.32 -22.62
N GLU B 341 8.78 33.94 -23.88
CA GLU B 341 9.46 32.78 -24.43
C GLU B 341 10.85 33.16 -24.94
N CYS B 342 11.82 32.29 -24.67
CA CYS B 342 13.19 32.52 -25.09
C CYS B 342 13.38 32.12 -26.55
N ASP B 343 14.36 32.76 -27.20
CA ASP B 343 14.68 32.42 -28.57
C ASP B 343 15.33 31.04 -28.62
N LEU B 344 15.45 30.51 -29.84
CA LEU B 344 16.09 29.20 -30.01
C LEU B 344 17.56 29.26 -29.57
N GLN B 345 18.26 30.33 -29.95
CA GLN B 345 19.68 30.42 -29.64
C GLN B 345 19.91 30.51 -28.14
N LYS B 346 19.07 31.25 -27.42
CA LYS B 346 19.29 31.43 -25.98
C LYS B 346 19.17 30.12 -25.21
N TYR B 347 18.54 29.10 -25.78
CA TYR B 347 18.53 27.80 -25.13
C TYR B 347 19.95 27.23 -25.03
N PHE B 348 20.74 27.38 -26.09
CA PHE B 348 22.10 26.85 -26.06
C PHE B 348 23.03 27.74 -25.25
N SER B 349 22.82 29.05 -25.30
CA SER B 349 23.77 29.98 -24.69
C SER B 349 23.42 30.27 -23.23
N CYS B 350 22.17 30.59 -22.95
CA CYS B 350 21.77 31.06 -21.63
C CYS B 350 21.08 30.00 -20.78
N VAL B 351 20.02 29.37 -21.30
CA VAL B 351 19.23 28.48 -20.46
C VAL B 351 19.99 27.22 -20.10
N SER B 352 20.69 26.62 -21.07
CA SER B 352 21.33 25.34 -20.81
C SER B 352 22.40 25.41 -19.73
N PRO B 353 23.36 26.33 -19.78
CA PRO B 353 24.35 26.40 -18.69
C PRO B 353 23.74 26.66 -17.34
N VAL B 354 22.68 27.48 -17.27
CA VAL B 354 22.08 27.83 -15.99
C VAL B 354 21.49 26.60 -15.32
N LEU B 355 20.82 25.75 -16.09
CA LEU B 355 20.21 24.55 -15.51
C LEU B 355 21.27 23.66 -14.87
N ASP B 356 22.44 23.52 -15.51
CA ASP B 356 23.53 22.79 -14.90
C ASP B 356 23.97 23.46 -13.60
N HIS B 357 24.07 24.79 -13.62
CA HIS B 357 24.48 25.52 -12.42
C HIS B 357 23.48 25.32 -11.29
N ILE B 358 22.18 25.38 -11.60
CA ILE B 358 21.15 25.21 -10.57
C ILE B 358 21.27 23.85 -9.92
N GLU B 359 21.42 22.80 -10.75
CA GLU B 359 21.60 21.46 -10.22
C GLU B 359 22.92 21.33 -9.47
N PHE B 360 23.99 21.93 -10.00
CA PHE B 360 25.30 21.81 -9.38
C PHE B 360 25.31 22.43 -7.98
N LYS B 361 24.68 23.59 -7.82
CA LYS B 361 24.65 24.29 -6.55
C LYS B 361 23.49 23.87 -5.66
N ASP B 362 22.59 23.00 -6.16
CA ASP B 362 21.45 22.53 -5.39
C ASP B 362 20.62 23.70 -4.88
N LEU B 363 20.15 24.52 -5.82
CA LEU B 363 19.35 25.69 -5.49
C LEU B 363 17.86 25.40 -5.46
N CYS B 364 17.44 24.16 -5.69
CA CYS B 364 16.04 23.79 -5.75
C CYS B 364 15.78 22.53 -4.92
N THR B 365 16.27 22.53 -3.69
CA THR B 365 16.05 21.39 -2.81
C THR B 365 14.56 21.22 -2.52
N VAL B 366 14.16 19.98 -2.21
CA VAL B 366 12.77 19.65 -1.92
C VAL B 366 12.74 18.77 -0.69
N GLY B 367 11.54 18.63 -0.12
CA GLY B 367 11.33 17.76 1.01
C GLY B 367 11.20 18.47 2.34
N THR B 368 12.26 18.44 3.14
CA THR B 368 12.22 19.01 4.48
C THR B 368 11.77 20.46 4.45
N HIS B 369 11.31 20.94 5.60
CA HIS B 369 10.89 22.34 5.70
C HIS B 369 12.02 23.29 5.32
N ASN B 370 13.27 22.86 5.52
CA ASN B 370 14.40 23.65 5.07
C ASN B 370 14.36 23.85 3.56
N SER B 371 13.82 22.88 2.83
CA SER B 371 13.87 22.90 1.39
C SER B 371 13.13 24.10 0.82
N SER B 372 13.58 24.56 -0.34
CA SER B 372 12.89 25.65 -1.04
C SER B 372 11.47 25.27 -1.43
N CYS B 373 11.18 23.98 -1.55
CA CYS B 373 9.85 23.48 -1.92
C CYS B 373 9.43 22.43 -0.90
N PRO B 374 8.97 22.87 0.28
CA PRO B 374 8.61 21.91 1.33
C PRO B 374 7.47 21.01 0.91
N VAL B 375 7.24 19.97 1.71
CA VAL B 375 6.14 19.06 1.46
C VAL B 375 4.82 19.82 1.57
N SER B 376 3.87 19.45 0.71
CA SER B 376 2.57 20.11 0.75
C SER B 376 1.80 19.70 2.00
N CYS B 377 0.92 20.60 2.44
CA CYS B 377 0.10 20.30 3.62
C CYS B 377 -0.77 19.07 3.38
N GLU B 378 -1.37 18.98 2.20
CA GLU B 378 -2.26 17.87 1.84
C GLU B 378 -1.75 17.26 0.56
N GLU B 379 -1.50 15.95 0.58
CA GLU B 379 -1.01 15.21 -0.58
C GLU B 379 -2.08 14.24 -1.05
N ILE B 380 -2.38 14.28 -2.35
CA ILE B 380 -3.35 13.39 -2.97
C ILE B 380 -2.60 12.51 -3.95
N GLU B 381 -2.73 11.19 -3.77
CA GLU B 381 -2.03 10.21 -4.58
C GLU B 381 -3.03 9.19 -5.11
N TYR B 382 -2.73 8.61 -6.26
CA TYR B 382 -3.61 7.65 -6.92
C TYR B 382 -2.81 6.38 -7.25
N PRO B 383 -2.51 5.56 -6.24
CA PRO B 383 -1.84 4.29 -6.53
C PRO B 383 -2.65 3.44 -7.49
N ALA B 384 -1.94 2.74 -8.37
CA ALA B 384 -2.58 1.98 -9.44
C ALA B 384 -1.98 0.59 -9.52
N THR B 385 -2.83 -0.37 -9.89
CA THR B 385 -2.42 -1.73 -10.21
C THR B 385 -2.91 -2.07 -11.60
N ILE B 386 -2.07 -2.75 -12.38
CA ILE B 386 -2.32 -2.95 -13.80
C ILE B 386 -2.30 -4.43 -14.12
N SER B 387 -3.28 -4.86 -14.92
CA SER B 387 -3.34 -6.21 -15.45
C SER B 387 -3.55 -6.12 -16.95
N TYR B 388 -3.16 -7.18 -17.66
CA TYR B 388 -3.14 -7.15 -19.12
C TYR B 388 -3.85 -8.35 -19.70
N SER B 389 -4.48 -8.14 -20.85
CA SER B 389 -5.05 -9.20 -21.66
C SER B 389 -4.68 -8.95 -23.12
N SER B 390 -4.56 -10.03 -23.87
CA SER B 390 -4.31 -9.89 -25.31
C SER B 390 -5.48 -9.17 -25.95
N PHE B 391 -5.25 -7.94 -26.42
CA PHE B 391 -6.37 -7.10 -26.85
C PHE B 391 -7.07 -7.69 -28.06
N PRO B 392 -6.41 -7.86 -29.20
CA PRO B 392 -7.12 -8.40 -30.38
C PRO B 392 -7.29 -9.91 -30.27
N SER B 393 -8.51 -10.34 -30.00
CA SER B 393 -8.82 -11.76 -30.04
C SER B 393 -8.92 -12.24 -31.47
N GLN B 394 -8.89 -13.56 -31.66
CA GLN B 394 -9.00 -14.11 -32.99
C GLN B 394 -10.33 -13.74 -33.63
N LYS B 395 -11.40 -13.71 -32.84
CA LYS B 395 -12.70 -13.27 -33.36
C LYS B 395 -12.71 -11.77 -33.59
N ALA B 396 -12.19 -11.00 -32.63
CA ALA B 396 -12.21 -9.55 -32.77
C ALA B 396 -11.17 -9.06 -33.76
N LEU B 397 -10.07 -9.80 -33.93
CA LEU B 397 -9.02 -9.36 -34.84
C LEU B 397 -9.54 -9.22 -36.26
N LYS B 398 -10.33 -10.20 -36.71
CA LYS B 398 -10.91 -10.11 -38.04
C LYS B 398 -12.10 -9.15 -38.09
N TYR B 399 -12.72 -8.87 -36.95
CA TYR B 399 -13.79 -7.87 -36.92
C TYR B 399 -13.23 -6.46 -37.06
N LEU B 400 -12.15 -6.17 -36.33
CA LEU B 400 -11.54 -4.85 -36.43
C LEU B 400 -10.84 -4.66 -37.77
N SER B 401 -10.30 -5.73 -38.35
CA SER B 401 -9.62 -5.61 -39.62
C SER B 401 -10.55 -5.07 -40.70
N LYS B 402 -11.77 -5.59 -40.77
CA LYS B 402 -12.74 -5.07 -41.73
C LYS B 402 -13.22 -3.68 -41.33
N LYS B 403 -13.49 -3.47 -40.03
CA LYS B 403 -14.04 -2.21 -39.58
C LYS B 403 -13.07 -1.06 -39.86
N LEU B 404 -11.79 -1.26 -39.55
CA LEU B 404 -10.79 -0.22 -39.74
C LEU B 404 -10.11 -0.29 -41.10
N ASN B 405 -10.43 -1.30 -41.92
CA ASN B 405 -9.90 -1.39 -43.27
C ASN B 405 -8.37 -1.44 -43.27
N GLN B 406 -7.82 -2.34 -42.46
CA GLN B 406 -6.37 -2.50 -42.36
C GLN B 406 -6.03 -3.96 -42.09
N SER B 407 -4.80 -4.32 -42.42
CA SER B 407 -4.36 -5.70 -42.30
C SER B 407 -4.26 -6.10 -40.83
N ARG B 408 -4.34 -7.41 -40.59
CA ARG B 408 -4.29 -7.92 -39.22
C ARG B 408 -2.94 -7.62 -38.57
N LYS B 409 -1.86 -7.60 -39.37
CA LYS B 409 -0.56 -7.24 -38.83
C LYS B 409 -0.57 -5.82 -38.30
N TYR B 410 -1.20 -4.90 -39.03
CA TYR B 410 -1.28 -3.52 -38.57
C TYR B 410 -2.00 -3.42 -37.23
N ILE B 411 -3.11 -4.16 -37.09
CA ILE B 411 -3.91 -4.06 -35.87
C ILE B 411 -3.09 -4.48 -34.66
N ARG B 412 -2.36 -5.58 -34.79
CA ARG B 412 -1.64 -6.14 -33.65
C ARG B 412 -0.52 -5.21 -33.18
N GLU B 413 -0.06 -4.31 -34.05
CA GLU B 413 1.12 -3.52 -33.77
C GLU B 413 0.83 -2.05 -33.51
N ASN B 414 -0.44 -1.62 -33.55
CA ASN B 414 -0.73 -0.20 -33.49
C ASN B 414 -1.78 0.14 -32.43
N LEU B 415 -2.71 -0.77 -32.18
CA LEU B 415 -3.85 -0.47 -31.32
C LEU B 415 -3.48 -0.69 -29.85
N VAL B 416 -3.77 0.32 -29.03
CA VAL B 416 -3.60 0.25 -27.58
C VAL B 416 -4.96 0.46 -26.94
N LYS B 417 -5.34 -0.44 -26.04
CA LYS B 417 -6.61 -0.35 -25.33
C LYS B 417 -6.32 -0.19 -23.85
N ILE B 418 -6.95 0.81 -23.23
CA ILE B 418 -6.73 1.12 -21.82
C ILE B 418 -8.08 1.21 -21.14
N GLU B 419 -8.09 1.01 -19.84
CA GLU B 419 -9.31 1.06 -19.04
C GLU B 419 -8.92 1.39 -17.61
N ILE B 420 -9.28 2.60 -17.17
CA ILE B 420 -8.95 3.08 -15.83
C ILE B 420 -10.24 3.10 -15.02
N ASN B 421 -10.23 2.42 -13.88
CA ASN B 421 -11.44 2.24 -13.08
C ASN B 421 -11.14 2.55 -11.62
N TYR B 422 -12.19 2.85 -10.87
CA TYR B 422 -12.12 2.96 -9.43
C TYR B 422 -12.34 1.60 -8.80
N SER B 423 -11.50 1.25 -7.83
CA SER B 423 -11.70 0.02 -7.08
C SER B 423 -12.92 0.16 -6.19
N ASP B 424 -13.27 -0.93 -5.48
CA ASP B 424 -14.38 -0.87 -4.54
C ASP B 424 -14.04 0.01 -3.34
N LEU B 425 -12.96 -0.32 -2.63
CA LEU B 425 -12.45 0.53 -1.56
C LEU B 425 -11.60 1.62 -2.20
N ASN B 426 -12.27 2.66 -2.68
CA ASN B 426 -11.65 3.65 -3.54
C ASN B 426 -11.17 4.90 -2.81
N TYR B 427 -11.23 4.93 -1.49
CA TYR B 427 -10.86 6.12 -0.73
C TYR B 427 -10.03 5.73 0.48
N LYS B 428 -9.19 6.67 0.93
CA LYS B 428 -8.36 6.45 2.10
C LYS B 428 -7.74 7.78 2.51
N ILE B 429 -7.78 8.08 3.81
CA ILE B 429 -7.21 9.31 4.35
C ILE B 429 -6.26 8.95 5.48
N THR B 430 -5.07 9.55 5.46
CA THR B 430 -4.10 9.44 6.54
C THR B 430 -3.92 10.81 7.15
N GLN B 431 -4.16 10.93 8.45
CA GLN B 431 -4.12 12.20 9.16
C GLN B 431 -2.99 12.18 10.18
N GLN B 432 -2.19 13.24 10.21
CA GLN B 432 -1.22 13.45 11.27
C GLN B 432 -1.85 14.38 12.30
N GLN B 433 -1.79 13.98 13.57
CA GLN B 433 -2.50 14.68 14.64
C GLN B 433 -1.51 15.12 15.69
N LYS B 434 -1.74 16.32 16.23
CA LYS B 434 -0.93 16.83 17.33
C LYS B 434 -1.30 16.07 18.60
N ALA B 435 -0.56 14.99 18.88
CA ALA B 435 -0.89 14.07 19.96
C ALA B 435 -1.34 14.80 21.22
N VAL B 436 -0.57 15.79 21.66
CA VAL B 436 -0.85 16.52 22.89
C VAL B 436 -0.84 18.01 22.58
N SER B 437 -1.91 18.70 22.96
CA SER B 437 -1.97 20.15 22.92
C SER B 437 -1.70 20.71 24.32
N VAL B 438 -1.74 22.04 24.43
CA VAL B 438 -1.46 22.65 25.73
C VAL B 438 -2.49 22.21 26.76
N SER B 439 -3.75 22.05 26.35
CA SER B 439 -4.77 21.55 27.27
C SER B 439 -4.47 20.11 27.68
N GLU B 440 -4.02 19.28 26.73
CA GLU B 440 -3.70 17.90 27.05
C GLU B 440 -2.53 17.80 28.03
N LEU B 441 -1.48 18.61 27.82
CA LEU B 441 -0.35 18.59 28.73
C LEU B 441 -0.76 19.03 30.13
N LEU B 442 -1.60 20.06 30.23
CA LEU B 442 -1.98 20.60 31.52
C LEU B 442 -2.72 19.59 32.38
N ALA B 443 -3.24 18.52 31.78
CA ALA B 443 -3.85 17.44 32.54
C ALA B 443 -2.79 16.49 33.11
N ASP B 444 -1.80 16.13 32.28
CA ASP B 444 -0.77 15.21 32.74
C ASP B 444 0.04 15.79 33.89
N LEU B 445 0.42 17.06 33.79
CA LEU B 445 1.15 17.70 34.88
C LEU B 445 0.30 17.76 36.15
N GLY B 446 -1.02 17.86 35.99
CA GLY B 446 -1.88 17.85 37.17
C GLY B 446 -1.88 16.52 37.88
N GLY B 447 -1.89 15.42 37.12
CA GLY B 447 -1.90 14.10 37.74
C GLY B 447 -0.64 13.82 38.52
N GLN B 448 0.52 14.11 37.93
CA GLN B 448 1.78 13.84 38.61
C GLN B 448 1.93 14.71 39.85
N LEU B 449 1.69 16.01 39.72
CA LEU B 449 1.81 16.90 40.86
C LEU B 449 0.83 16.52 41.96
N GLY B 450 -0.42 16.22 41.58
CA GLY B 450 -1.40 15.81 42.59
C GLY B 450 -1.09 14.45 43.18
N LEU B 451 -0.62 13.51 42.35
CA LEU B 451 -0.42 12.14 42.82
C LEU B 451 0.60 12.09 43.93
N PHE B 452 1.78 12.66 43.70
CA PHE B 452 2.90 12.50 44.62
C PHE B 452 2.84 13.48 45.79
N CYS B 453 2.19 14.63 45.63
CA CYS B 453 2.11 15.62 46.69
C CYS B 453 0.71 16.19 46.90
N GLY B 454 -0.23 15.95 45.99
CA GLY B 454 -1.56 16.50 46.13
C GLY B 454 -1.55 18.02 46.08
N ALA B 455 -0.51 18.59 45.48
CA ALA B 455 -0.37 20.03 45.39
C ALA B 455 -1.19 20.58 44.24
N SER B 456 -1.19 21.90 44.11
CA SER B 456 -1.89 22.59 43.04
C SER B 456 -1.23 23.95 42.84
N LEU B 457 -1.55 24.59 41.71
CA LEU B 457 -0.97 25.89 41.43
C LEU B 457 -1.24 26.87 42.56
N ILE B 458 -2.36 26.69 43.27
CA ILE B 458 -2.61 27.51 44.45
C ILE B 458 -1.63 27.16 45.55
N THR B 459 -1.27 25.89 45.67
CA THR B 459 -0.29 25.48 46.68
C THR B 459 1.06 26.13 46.43
N ILE B 460 1.48 26.20 45.17
CA ILE B 460 2.77 26.81 44.84
C ILE B 460 2.77 28.28 45.24
N ILE B 461 1.68 28.99 44.96
CA ILE B 461 1.60 30.40 45.34
C ILE B 461 1.71 30.55 46.85
N GLU B 462 1.09 29.64 47.60
CA GLU B 462 1.21 29.69 49.06
C GLU B 462 2.66 29.57 49.51
N ILE B 463 3.40 28.64 48.89
CA ILE B 463 4.81 28.46 49.26
C ILE B 463 5.60 29.72 48.93
N ILE B 464 5.37 30.30 47.76
CA ILE B 464 6.11 31.50 47.36
C ILE B 464 5.84 32.63 48.34
N GLU B 465 4.57 32.83 48.70
CA GLU B 465 4.24 33.87 49.68
C GLU B 465 4.91 33.59 51.02
N TYR B 466 4.91 32.33 51.44
CA TYR B 466 5.55 31.99 52.71
C TYR B 466 7.05 32.27 52.65
N LEU B 467 7.69 31.94 51.53
CA LEU B 467 9.12 32.22 51.38
C LEU B 467 9.38 33.72 51.38
N PHE B 468 8.51 34.50 50.73
CA PHE B 468 8.70 35.94 50.69
C PHE B 468 8.67 36.55 52.09
N THR B 469 7.73 36.11 52.92
CA THR B 469 7.67 36.59 54.29
C THR B 469 8.95 36.24 55.05
N ASN B 470 9.46 35.01 54.85
CA ASN B 470 10.70 34.61 55.50
C ASN B 470 11.86 35.49 55.04
N PHE B 471 11.92 35.79 53.75
CA PHE B 471 12.98 36.63 53.21
C PHE B 471 12.89 38.05 53.78
N ASP C 40 -10.09 13.79 65.13
CA ASP C 40 -8.66 13.51 65.23
C ASP C 40 -8.03 13.39 63.85
N PHE C 41 -7.94 12.15 63.34
CA PHE C 41 -7.37 11.95 62.01
C PHE C 41 -8.21 12.61 60.94
N ALA C 42 -9.52 12.73 61.17
CA ALA C 42 -10.39 13.36 60.18
C ALA C 42 -9.99 14.81 59.94
N ILE C 43 -9.70 15.55 61.02
CA ILE C 43 -9.32 16.94 60.88
C ILE C 43 -7.93 17.10 60.26
N SER C 44 -7.11 16.06 60.28
CA SER C 44 -5.74 16.12 59.76
C SER C 44 -5.62 15.49 58.38
N THR C 45 -6.30 14.36 58.14
CA THR C 45 -6.18 13.67 56.87
C THR C 45 -6.70 14.55 55.73
N SER C 46 -6.04 14.45 54.58
CA SER C 46 -6.47 15.15 53.38
C SER C 46 -7.50 14.36 52.58
N PHE C 47 -7.79 13.12 52.98
CA PHE C 47 -8.84 12.35 52.32
C PHE C 47 -10.18 13.04 52.53
N HIS C 48 -10.80 13.49 51.44
CA HIS C 48 -12.00 14.29 51.55
C HIS C 48 -13.15 13.45 52.10
N GLY C 49 -14.15 14.14 52.65
CA GLY C 49 -15.34 13.48 53.15
C GLY C 49 -15.25 13.11 54.62
N ILE C 50 -14.16 12.48 55.02
CA ILE C 50 -14.03 11.99 56.39
C ILE C 50 -14.13 13.15 57.38
N HIS C 51 -13.69 14.34 56.96
CA HIS C 51 -13.73 15.50 57.85
C HIS C 51 -15.17 15.83 58.25
N ASN C 52 -16.12 15.64 57.33
CA ASN C 52 -17.52 15.88 57.63
C ASN C 52 -18.05 14.86 58.64
N ILE C 53 -17.56 13.63 58.57
CA ILE C 53 -18.06 12.54 59.40
C ILE C 53 -17.93 12.94 60.87
N VAL C 54 -16.75 13.40 61.26
CA VAL C 54 -16.48 13.73 62.66
C VAL C 54 -16.92 15.15 62.95
N GLN C 55 -16.51 16.10 62.10
CA GLN C 55 -16.82 17.51 62.33
C GLN C 55 -18.31 17.73 62.47
N ASN C 56 -19.09 17.25 61.50
CA ASN C 56 -20.54 17.36 61.55
C ASN C 56 -21.12 16.09 62.17
N ARG C 57 -21.70 16.21 63.36
CA ARG C 57 -22.23 15.06 64.09
C ARG C 57 -23.74 14.91 63.93
N SER C 58 -24.35 15.69 63.05
CA SER C 58 -25.78 15.53 62.79
C SER C 58 -26.04 14.14 62.23
N LYS C 59 -27.12 13.50 62.71
CA LYS C 59 -27.39 12.12 62.36
C LYS C 59 -27.44 11.93 60.85
N ILE C 60 -28.19 12.81 60.16
CA ILE C 60 -28.35 12.69 58.72
C ILE C 60 -27.01 12.88 58.02
N ARG C 61 -26.28 13.93 58.40
CA ARG C 61 -25.01 14.24 57.76
C ARG C 61 -23.91 13.28 58.21
N ARG C 62 -23.84 13.01 59.52
CA ARG C 62 -22.82 12.13 60.08
C ARG C 62 -22.84 10.77 59.39
N VAL C 63 -24.04 10.30 59.04
CA VAL C 63 -24.17 9.00 58.38
C VAL C 63 -24.05 9.14 56.87
N LEU C 64 -24.68 10.18 56.30
CA LEU C 64 -24.71 10.33 54.85
C LEU C 64 -23.30 10.53 54.29
N TRP C 65 -22.52 11.40 54.93
CA TRP C 65 -21.20 11.74 54.43
C TRP C 65 -20.30 10.51 54.31
N LEU C 66 -20.35 9.64 55.32
CA LEU C 66 -19.58 8.41 55.27
C LEU C 66 -20.01 7.54 54.10
N VAL C 67 -21.32 7.52 53.83
CA VAL C 67 -21.83 6.73 52.71
C VAL C 67 -21.23 7.21 51.39
N VAL C 68 -21.16 8.52 51.18
CA VAL C 68 -20.52 9.07 50.00
C VAL C 68 -19.04 8.75 49.97
N VAL C 69 -18.39 8.80 51.13
CA VAL C 69 -16.98 8.46 51.24
C VAL C 69 -16.79 7.02 50.78
N LEU C 70 -17.62 6.12 51.31
CA LEU C 70 -17.51 4.72 50.93
C LEU C 70 -17.81 4.53 49.44
N GLY C 71 -18.84 5.20 48.94
CA GLY C 71 -19.22 5.06 47.55
C GLY C 71 -18.12 5.46 46.60
N SER C 72 -17.55 6.65 46.79
CA SER C 72 -16.47 7.11 45.93
C SER C 72 -15.20 6.28 46.11
N VAL C 73 -14.89 5.86 47.33
CA VAL C 73 -13.68 5.07 47.57
C VAL C 73 -13.73 3.78 46.76
N SER C 74 -14.87 3.09 46.78
CA SER C 74 -15.02 1.88 45.98
C SER C 74 -14.96 2.18 44.49
N LEU C 75 -15.43 3.36 44.06
CA LEU C 75 -15.31 3.75 42.66
C LEU C 75 -13.85 3.94 42.27
N VAL C 76 -13.04 4.48 43.18
CA VAL C 76 -11.62 4.67 42.89
C VAL C 76 -10.97 3.33 42.58
N THR C 77 -11.23 2.32 43.41
CA THR C 77 -10.57 1.03 43.24
C THR C 77 -10.93 0.42 41.89
N TRP C 78 -12.21 0.49 41.51
CA TRP C 78 -12.62 -0.04 40.22
C TRP C 78 -11.94 0.71 39.08
N GLN C 79 -11.94 2.04 39.13
CA GLN C 79 -11.35 2.83 38.06
C GLN C 79 -9.85 2.61 37.97
N ILE C 80 -9.15 2.63 39.11
CA ILE C 80 -7.72 2.35 39.10
C ILE C 80 -7.45 0.94 38.60
N TYR C 81 -8.26 -0.02 39.05
CA TYR C 81 -8.10 -1.40 38.60
C TYR C 81 -8.23 -1.49 37.09
N ILE C 82 -9.19 -0.76 36.50
CA ILE C 82 -9.31 -0.75 35.05
C ILE C 82 -8.07 -0.13 34.41
N ARG C 83 -7.57 0.95 35.00
CA ARG C 83 -6.38 1.59 34.45
C ARG C 83 -5.18 0.65 34.47
N LEU C 84 -4.89 0.06 35.64
CA LEU C 84 -3.76 -0.84 35.73
C LEU C 84 -3.96 -2.07 34.84
N LEU C 85 -5.19 -2.60 34.81
CA LEU C 85 -5.46 -3.75 33.95
C LEU C 85 -5.21 -3.42 32.49
N ASN C 86 -5.64 -2.24 32.04
CA ASN C 86 -5.41 -1.84 30.66
C ASN C 86 -3.93 -1.65 30.38
N TYR C 87 -3.19 -1.09 31.34
CA TYR C 87 -1.77 -0.84 31.11
C TYR C 87 -1.01 -2.13 30.85
N PHE C 88 -1.32 -3.19 31.60
CA PHE C 88 -0.56 -4.43 31.47
C PHE C 88 -0.85 -5.16 30.17
N THR C 89 -1.85 -4.73 29.40
CA THR C 89 -2.05 -5.30 28.07
C THR C 89 -0.97 -4.86 27.08
N TRP C 90 -0.13 -3.90 27.46
CA TRP C 90 0.95 -3.41 26.61
C TRP C 90 0.39 -2.83 25.33
N PRO C 91 -0.47 -1.81 25.42
CA PRO C 91 -1.01 -1.19 24.20
C PRO C 91 0.06 -0.43 23.45
N THR C 92 -0.21 -0.20 22.16
CA THR C 92 0.70 0.52 21.30
C THR C 92 -0.08 1.33 20.28
N THR C 93 0.57 2.37 19.77
CA THR C 93 0.03 3.20 18.70
C THR C 93 1.12 3.43 17.67
N THR C 94 0.71 3.69 16.43
CA THR C 94 1.65 3.78 15.32
C THR C 94 1.66 5.19 14.75
N SER C 95 2.82 5.57 14.21
CA SER C 95 3.02 6.83 13.53
C SER C 95 3.51 6.57 12.12
N ILE C 96 3.00 7.33 11.16
CA ILE C 96 3.32 7.15 9.75
C ILE C 96 3.87 8.47 9.21
N GLU C 97 5.03 8.40 8.57
CA GLU C 97 5.67 9.56 7.95
C GLU C 97 5.97 9.24 6.49
N VAL C 98 5.59 10.15 5.59
CA VAL C 98 5.85 10.01 4.17
C VAL C 98 6.46 11.31 3.68
N GLN C 99 7.52 11.20 2.88
CA GLN C 99 8.27 12.39 2.49
C GLN C 99 9.05 12.09 1.21
N TYR C 100 9.48 13.17 0.55
CA TYR C 100 10.40 13.07 -0.58
C TYR C 100 11.83 13.17 -0.06
N VAL C 101 12.69 12.26 -0.51
CA VAL C 101 14.11 12.29 -0.20
C VAL C 101 14.84 12.55 -1.52
N GLU C 102 15.36 13.77 -1.68
CA GLU C 102 15.99 14.14 -2.94
C GLU C 102 17.17 13.22 -3.26
N LYS C 103 18.07 13.06 -2.30
CA LYS C 103 19.24 12.19 -2.45
C LYS C 103 19.11 11.04 -1.46
N MET C 104 18.90 9.84 -1.99
CA MET C 104 18.61 8.68 -1.15
C MET C 104 19.36 7.48 -1.70
N GLU C 105 19.62 6.50 -0.84
CA GLU C 105 20.44 5.36 -1.19
C GLU C 105 19.64 4.37 -2.02
N PHE C 106 20.03 4.20 -3.28
CA PHE C 106 19.39 3.22 -4.13
C PHE C 106 19.65 1.81 -3.59
N PRO C 107 18.64 0.92 -3.64
CA PRO C 107 18.86 -0.44 -3.13
C PRO C 107 19.72 -1.28 -4.06
N ALA C 108 19.91 -2.55 -3.71
CA ALA C 108 20.63 -3.49 -4.54
C ALA C 108 19.64 -4.37 -5.29
N VAL C 109 19.97 -4.69 -6.53
CA VAL C 109 19.11 -5.50 -7.40
C VAL C 109 19.94 -6.63 -7.98
N THR C 110 19.41 -7.84 -7.95
CA THR C 110 20.09 -9.02 -8.48
C THR C 110 19.25 -9.64 -9.58
N PHE C 111 19.92 -10.09 -10.64
CA PHE C 111 19.26 -10.59 -11.84
C PHE C 111 19.69 -12.02 -12.11
N CYS C 112 18.75 -12.83 -12.58
CA CYS C 112 19.04 -14.19 -13.01
C CYS C 112 18.26 -14.48 -14.29
N ASN C 113 18.80 -15.40 -15.08
CA ASN C 113 18.14 -15.80 -16.31
C ASN C 113 17.20 -16.97 -16.04
N LEU C 114 15.99 -16.90 -16.60
CA LEU C 114 15.03 -17.98 -16.40
C LEU C 114 15.49 -19.28 -17.07
N ASN C 115 16.39 -19.19 -18.05
CA ASN C 115 17.10 -20.34 -18.57
C ASN C 115 18.49 -20.35 -17.94
N ARG C 116 18.86 -21.47 -17.33
CA ARG C 116 19.94 -21.49 -16.36
C ARG C 116 21.25 -22.08 -16.87
N PHE C 117 21.21 -22.95 -17.88
CA PHE C 117 22.41 -23.65 -18.32
C PHE C 117 22.70 -23.34 -19.78
N GLN C 118 23.98 -23.35 -20.12
CA GLN C 118 24.39 -23.18 -21.51
C GLN C 118 23.94 -24.38 -22.33
N THR C 119 23.42 -24.11 -23.53
CA THR C 119 22.79 -25.16 -24.31
C THR C 119 23.79 -26.27 -24.68
N ASP C 120 25.01 -25.89 -25.06
CA ASP C 120 25.97 -26.88 -25.51
C ASP C 120 26.69 -27.58 -24.36
N ALA C 121 26.62 -27.02 -23.16
CA ALA C 121 27.24 -27.66 -22.00
C ALA C 121 26.35 -28.73 -21.38
N VAL C 122 25.08 -28.77 -21.75
CA VAL C 122 24.12 -29.73 -21.18
C VAL C 122 23.50 -30.64 -22.22
N ALA C 123 23.84 -30.47 -23.51
CA ALA C 123 23.23 -31.31 -24.53
C ALA C 123 23.55 -32.78 -24.29
N LYS C 124 24.80 -33.09 -23.95
CA LYS C 124 25.23 -34.47 -23.72
C LYS C 124 25.31 -34.81 -22.24
N PHE C 125 24.87 -33.92 -21.36
CA PHE C 125 24.98 -34.09 -19.91
C PHE C 125 23.66 -33.76 -19.25
N GLY C 126 22.57 -34.32 -19.77
CA GLY C 126 21.24 -34.01 -19.28
C GLY C 126 21.01 -34.38 -17.83
N VAL C 127 21.90 -35.18 -17.23
CA VAL C 127 21.74 -35.56 -15.83
C VAL C 127 21.80 -34.34 -14.92
N ILE C 128 22.45 -33.26 -15.35
CA ILE C 128 22.71 -32.13 -14.47
C ILE C 128 21.41 -31.54 -13.94
N PHE C 129 20.33 -31.62 -14.71
CA PHE C 129 19.08 -31.02 -14.27
C PHE C 129 18.59 -31.65 -12.97
N PHE C 130 18.70 -32.97 -12.87
CA PHE C 130 18.28 -33.64 -11.64
C PHE C 130 19.32 -33.45 -10.54
N LEU C 131 20.60 -33.42 -10.90
CA LEU C 131 21.63 -33.15 -9.91
C LEU C 131 21.45 -31.77 -9.30
N TRP C 132 21.20 -30.77 -10.13
CA TRP C 132 20.98 -29.43 -9.62
C TRP C 132 19.70 -29.35 -8.79
N HIS C 133 18.66 -30.09 -9.20
CA HIS C 133 17.43 -30.10 -8.43
C HIS C 133 17.68 -30.63 -7.02
N ILE C 134 18.43 -31.72 -6.91
CA ILE C 134 18.76 -32.27 -5.61
C ILE C 134 19.64 -31.31 -4.83
N VAL C 135 20.69 -30.81 -5.47
CA VAL C 135 21.64 -29.94 -4.79
C VAL C 135 20.96 -28.65 -4.35
N SER C 136 20.15 -28.06 -5.22
CA SER C 136 19.48 -26.80 -4.91
C SER C 136 18.30 -26.97 -3.97
N LYS C 137 18.09 -28.17 -3.41
CA LYS C 137 16.95 -28.38 -2.53
C LYS C 137 17.06 -27.55 -1.26
N VAL C 138 18.25 -27.03 -0.96
CA VAL C 138 18.42 -26.22 0.24
C VAL C 138 17.62 -24.93 0.15
N LEU C 139 17.72 -24.24 -0.99
CA LEU C 139 17.00 -22.99 -1.16
C LEU C 139 15.53 -23.22 -1.45
N HIS C 140 15.23 -23.90 -2.55
CA HIS C 140 13.87 -24.35 -2.83
C HIS C 140 13.63 -25.66 -2.10
N LEU C 141 12.60 -25.69 -1.26
CA LEU C 141 12.29 -26.87 -0.47
C LEU C 141 11.29 -27.79 -1.15
N GLN C 142 10.94 -27.50 -2.40
CA GLN C 142 10.05 -28.37 -3.16
C GLN C 142 10.53 -29.81 -3.11
N GLU C 143 9.62 -30.72 -2.77
CA GLU C 143 10.01 -32.11 -2.55
C GLU C 143 10.41 -32.77 -3.86
N ILE C 144 11.09 -33.92 -3.73
CA ILE C 144 11.61 -34.67 -4.87
C ILE C 144 11.08 -36.10 -4.76
N THR C 145 10.57 -36.62 -5.86
CA THR C 145 9.95 -37.95 -5.88
C THR C 145 11.02 -39.00 -6.11
N ALA C 146 11.20 -39.89 -5.13
CA ALA C 146 12.12 -41.00 -5.28
C ALA C 146 11.53 -42.03 -6.25
N ASN C 147 12.42 -42.86 -6.79
CA ASN C 147 12.14 -43.93 -7.76
C ASN C 147 11.83 -43.38 -9.15
N SER C 148 11.81 -42.07 -9.34
CA SER C 148 11.59 -41.52 -10.66
C SER C 148 12.77 -41.84 -11.58
N THR C 149 12.52 -41.80 -12.88
CA THR C 149 13.59 -42.10 -13.83
C THR C 149 14.74 -41.11 -13.70
N GLY C 150 14.43 -39.83 -13.55
CA GLY C 150 15.49 -38.84 -13.41
C GLY C 150 16.29 -39.05 -12.14
N SER C 151 15.61 -39.25 -11.01
CA SER C 151 16.32 -39.42 -9.75
C SER C 151 17.10 -40.72 -9.70
N ARG C 152 16.76 -41.70 -10.53
CA ARG C 152 17.52 -42.94 -10.57
C ARG C 152 18.80 -42.77 -11.38
N GLU C 153 18.74 -42.04 -12.49
CA GLU C 153 19.94 -41.78 -13.27
C GLU C 153 20.92 -40.92 -12.48
N ALA C 154 20.43 -39.87 -11.82
CA ALA C 154 21.31 -39.00 -11.05
C ALA C 154 22.00 -39.77 -9.93
N THR C 155 21.24 -40.59 -9.20
CA THR C 155 21.83 -41.33 -8.10
C THR C 155 22.91 -42.29 -8.60
N ASP C 156 22.63 -42.98 -9.71
CA ASP C 156 23.64 -43.87 -10.27
C ASP C 156 24.87 -43.09 -10.73
N PHE C 157 24.68 -41.87 -11.20
CA PHE C 157 25.82 -41.05 -11.62
C PHE C 157 26.62 -40.58 -10.42
N ALA C 158 25.95 -40.12 -9.36
CA ALA C 158 26.66 -39.63 -8.19
C ALA C 158 27.50 -40.73 -7.56
N ALA C 159 26.97 -41.95 -7.49
CA ALA C 159 27.74 -43.05 -6.92
C ALA C 159 29.00 -43.32 -7.72
N SER C 160 29.02 -42.98 -9.00
CA SER C 160 30.17 -43.24 -9.86
C SER C 160 31.10 -42.05 -9.94
N HIS C 161 30.58 -40.89 -10.35
CA HIS C 161 31.39 -39.67 -10.48
C HIS C 161 31.38 -38.94 -9.14
N GLN C 162 32.18 -39.45 -8.20
CA GLN C 162 32.35 -38.80 -6.91
C GLN C 162 33.34 -37.64 -6.98
N ASN C 163 34.11 -37.53 -8.06
CA ASN C 163 35.00 -36.39 -8.23
C ASN C 163 34.23 -35.14 -8.63
N PHE C 164 33.08 -35.32 -9.27
CA PHE C 164 32.33 -34.22 -9.85
C PHE C 164 32.12 -33.09 -8.84
N SER C 165 32.45 -31.87 -9.25
CA SER C 165 32.29 -30.68 -8.43
C SER C 165 31.16 -29.85 -9.04
N ILE C 166 30.00 -29.86 -8.38
CA ILE C 166 28.84 -29.17 -8.92
C ILE C 166 29.09 -27.67 -8.96
N VAL C 167 29.78 -27.13 -7.95
CA VAL C 167 30.00 -25.69 -7.89
C VAL C 167 30.83 -25.24 -9.08
N GLU C 168 31.89 -25.98 -9.41
CA GLU C 168 32.72 -25.61 -10.56
C GLU C 168 31.92 -25.66 -11.86
N PHE C 169 31.11 -26.70 -12.03
CA PHE C 169 30.34 -26.84 -13.25
C PHE C 169 29.36 -25.68 -13.42
N ILE C 170 28.56 -25.41 -12.39
CA ILE C 170 27.54 -24.38 -12.52
C ILE C 170 28.16 -23.01 -12.71
N ARG C 171 29.28 -22.75 -12.05
CA ARG C 171 29.95 -21.46 -12.22
C ARG C 171 30.44 -21.27 -13.64
N ASN C 172 31.01 -22.32 -14.24
CA ASN C 172 31.57 -22.19 -15.58
C ASN C 172 30.50 -22.35 -16.66
N LYS C 173 29.54 -23.26 -16.44
CA LYS C 173 28.57 -23.62 -17.47
C LYS C 173 27.18 -23.06 -17.19
N GLY C 174 27.11 -21.83 -16.68
CA GLY C 174 25.83 -21.21 -16.42
C GLY C 174 25.71 -19.84 -17.05
N PHE C 175 24.78 -19.04 -16.56
CA PHE C 175 24.60 -17.68 -17.04
C PHE C 175 25.83 -16.83 -16.70
N TYR C 176 26.07 -15.81 -17.53
CA TYR C 176 27.21 -14.92 -17.33
C TYR C 176 26.87 -13.54 -17.85
N LEU C 177 27.40 -12.53 -17.18
CA LEU C 177 27.30 -11.15 -17.64
C LEU C 177 28.48 -10.84 -18.54
N ASN C 178 28.20 -10.27 -19.71
CA ASN C 178 29.21 -10.08 -20.73
C ASN C 178 28.70 -9.05 -21.71
N ASN C 179 29.60 -8.56 -22.57
CA ASN C 179 29.19 -7.62 -23.60
C ASN C 179 28.14 -8.22 -24.53
N SER C 180 28.15 -9.55 -24.68
CA SER C 180 27.15 -10.21 -25.50
C SER C 180 25.85 -10.47 -24.75
N THR C 181 25.83 -10.29 -23.43
CA THR C 181 24.66 -10.53 -22.61
C THR C 181 24.06 -9.26 -22.05
N LEU C 182 24.88 -8.30 -21.63
CA LEU C 182 24.42 -7.02 -21.11
C LEU C 182 24.74 -5.97 -22.18
N LEU C 183 23.79 -5.78 -23.10
CA LEU C 183 24.02 -4.87 -24.21
C LEU C 183 24.19 -3.44 -23.73
N ASP C 184 23.38 -2.99 -22.78
CA ASP C 184 23.43 -1.62 -22.32
C ASP C 184 23.06 -1.58 -20.84
N CYS C 185 23.61 -0.59 -20.14
CA CYS C 185 23.33 -0.41 -18.73
C CYS C 185 23.74 0.99 -18.32
N GLU C 186 22.90 1.65 -17.53
CA GLU C 186 23.17 3.00 -17.07
C GLU C 186 22.55 3.19 -15.70
N PHE C 187 23.25 3.92 -14.83
CA PHE C 187 22.81 4.18 -13.47
C PHE C 187 22.86 5.69 -13.24
N PHE C 188 21.69 6.31 -13.11
CA PHE C 188 21.58 7.75 -12.90
C PHE C 188 22.35 8.51 -13.97
N GLY C 189 22.27 8.03 -15.21
CA GLY C 189 22.90 8.68 -16.34
C GLY C 189 24.38 8.36 -16.52
N LYS C 190 24.97 7.59 -15.61
CA LYS C 190 26.38 7.22 -15.73
C LYS C 190 26.49 5.81 -16.28
N PRO C 191 27.20 5.59 -17.39
CA PRO C 191 27.31 4.23 -17.92
C PRO C 191 27.95 3.30 -16.91
N CYS C 192 27.46 2.06 -16.89
CA CYS C 192 27.99 1.03 -15.99
C CYS C 192 28.31 -0.21 -16.82
N SER C 193 29.20 -1.04 -16.26
CA SER C 193 29.80 -2.15 -16.96
C SER C 193 29.56 -3.45 -16.20
N PRO C 194 29.74 -4.60 -16.85
CA PRO C 194 29.55 -5.88 -16.15
C PRO C 194 30.39 -6.00 -14.88
N LYS C 195 31.53 -5.30 -14.85
CA LYS C 195 32.39 -5.33 -13.68
C LYS C 195 31.73 -4.70 -12.46
N ASP C 196 30.63 -3.98 -12.64
CA ASP C 196 29.90 -3.39 -11.53
C ASP C 196 28.92 -4.35 -10.88
N PHE C 197 28.83 -5.58 -11.37
CA PHE C 197 27.92 -6.59 -10.85
C PHE C 197 28.72 -7.65 -10.11
N ALA C 198 28.22 -8.05 -8.93
CA ALA C 198 28.86 -9.08 -8.13
C ALA C 198 28.14 -10.40 -8.31
N HIS C 199 28.91 -11.46 -8.53
CA HIS C 199 28.34 -12.78 -8.78
C HIS C 199 27.78 -13.38 -7.50
N VAL C 200 26.68 -14.11 -7.64
CA VAL C 200 26.00 -14.74 -6.51
C VAL C 200 25.38 -16.05 -6.99
N PHE C 201 25.44 -17.08 -6.15
CA PHE C 201 24.79 -18.33 -6.45
C PHE C 201 23.35 -18.31 -5.96
N THR C 202 22.50 -19.07 -6.65
CA THR C 202 21.08 -19.11 -6.35
C THR C 202 20.51 -20.37 -6.98
N GLU C 203 19.26 -20.69 -6.64
CA GLU C 203 18.61 -21.85 -7.25
C GLU C 203 18.54 -21.72 -8.76
N TYR C 204 18.65 -20.50 -9.28
CA TYR C 204 18.66 -20.26 -10.72
C TYR C 204 20.07 -20.32 -11.31
N GLY C 205 21.07 -20.67 -10.52
CA GLY C 205 22.43 -20.75 -11.00
C GLY C 205 23.20 -19.48 -10.74
N ASN C 206 23.99 -19.04 -11.72
CA ASN C 206 24.73 -17.79 -11.57
C ASN C 206 23.77 -16.62 -11.55
N CYS C 207 23.93 -15.74 -10.56
CA CYS C 207 23.14 -14.53 -10.44
C CYS C 207 24.06 -13.38 -10.09
N PHE C 208 23.75 -12.21 -10.62
CA PHE C 208 24.61 -11.05 -10.51
C PHE C 208 23.84 -9.89 -9.89
N THR C 209 24.43 -9.27 -8.87
CA THR C 209 23.78 -8.20 -8.12
C THR C 209 24.46 -6.87 -8.39
N PHE C 210 23.66 -5.82 -8.55
CA PHE C 210 24.14 -4.48 -8.84
C PHE C 210 24.09 -3.62 -7.59
N ASN C 211 25.03 -2.68 -7.51
CA ASN C 211 25.09 -1.76 -6.37
C ASN C 211 25.34 -2.50 -5.07
N HIS C 212 26.03 -3.64 -5.15
CA HIS C 212 26.32 -4.43 -3.96
C HIS C 212 27.14 -3.60 -2.97
N GLY C 213 27.24 -4.12 -1.74
CA GLY C 213 27.99 -3.47 -0.69
C GLY C 213 29.41 -3.14 -1.10
N VAL C 224 17.00 10.24 -6.39
CA VAL C 224 16.26 11.37 -6.95
C VAL C 224 15.02 10.85 -7.67
N SER C 225 13.93 11.60 -7.59
CA SER C 225 12.67 11.16 -8.16
C SER C 225 12.80 10.99 -9.67
N GLY C 226 12.24 9.88 -10.17
CA GLY C 226 12.22 9.65 -11.61
C GLY C 226 13.54 9.23 -12.21
N ARG C 227 14.48 8.76 -11.39
CA ARG C 227 15.77 8.31 -11.87
C ARG C 227 16.16 7.02 -11.16
N GLY C 228 16.98 6.22 -11.84
CA GLY C 228 17.39 4.95 -11.28
C GLY C 228 18.27 4.14 -12.22
N LEU C 229 18.00 2.85 -12.32
CA LEU C 229 18.83 1.92 -13.08
C LEU C 229 18.11 1.52 -14.35
N SER C 230 18.83 1.53 -15.47
CA SER C 230 18.29 1.16 -16.77
C SER C 230 19.19 0.09 -17.38
N LEU C 231 18.58 -0.99 -17.87
CA LEU C 231 19.32 -2.14 -18.36
C LEU C 231 18.71 -2.65 -19.65
N LEU C 232 19.52 -3.38 -20.42
CA LEU C 232 19.07 -4.06 -21.62
C LEU C 232 19.81 -5.38 -21.72
N PHE C 233 19.07 -6.47 -21.59
CA PHE C 233 19.66 -7.81 -21.57
C PHE C 233 19.48 -8.51 -22.91
N ASN C 234 20.26 -9.55 -23.13
CA ASN C 234 20.15 -10.42 -24.29
C ASN C 234 20.06 -11.84 -23.74
N VAL C 235 18.83 -12.32 -23.51
CA VAL C 235 18.65 -13.63 -22.91
C VAL C 235 19.29 -14.71 -23.75
N ASN C 236 19.34 -14.52 -25.07
CA ASN C 236 20.02 -15.43 -25.98
C ASN C 236 19.50 -16.86 -25.81
N GLN C 237 18.21 -17.02 -26.13
CA GLN C 237 17.59 -18.33 -25.98
C GLN C 237 18.32 -19.41 -26.78
N GLU C 238 19.01 -19.02 -27.84
CA GLU C 238 19.78 -19.98 -28.62
C GLU C 238 21.03 -20.47 -27.88
N ALA C 239 21.41 -19.81 -26.79
CA ALA C 239 22.61 -20.17 -26.05
C ALA C 239 22.33 -20.73 -24.66
N PHE C 240 21.21 -20.39 -24.06
CA PHE C 240 20.85 -20.86 -22.73
C PHE C 240 19.54 -21.62 -22.79
N THR C 241 19.50 -22.79 -22.15
CA THR C 241 18.29 -23.61 -22.11
C THR C 241 18.23 -24.30 -20.76
N ASP C 242 17.14 -25.03 -20.53
CA ASP C 242 16.99 -25.86 -19.34
C ASP C 242 15.80 -26.78 -19.56
N ASN C 243 15.55 -27.64 -18.59
CA ASN C 243 14.57 -28.70 -18.75
C ASN C 243 13.15 -28.14 -18.60
N PRO C 244 12.29 -28.27 -19.62
CA PRO C 244 10.89 -27.90 -19.43
C PRO C 244 10.08 -28.94 -18.69
N ALA C 245 10.51 -30.20 -18.70
CA ALA C 245 9.78 -31.24 -17.99
C ALA C 245 9.80 -31.02 -16.49
N LEU C 246 10.70 -30.19 -15.98
CA LEU C 246 10.78 -29.89 -14.55
C LEU C 246 10.04 -28.62 -14.18
N GLY C 247 9.34 -28.01 -15.12
CA GLY C 247 8.56 -26.82 -14.85
C GLY C 247 9.21 -25.51 -15.23
N PHE C 248 10.28 -25.54 -16.02
CA PHE C 248 10.96 -24.32 -16.48
C PHE C 248 10.57 -24.12 -17.94
N VAL C 249 9.53 -23.31 -18.17
CA VAL C 249 8.97 -23.15 -19.51
C VAL C 249 9.04 -21.68 -19.93
N ASP C 250 9.03 -20.78 -18.97
CA ASP C 250 9.03 -19.36 -19.27
C ASP C 250 10.44 -18.86 -19.57
N ALA C 251 10.52 -17.83 -20.39
CA ALA C 251 11.78 -17.21 -20.78
C ALA C 251 11.73 -15.72 -20.47
N GLY C 252 12.82 -15.21 -19.92
CA GLY C 252 12.90 -13.82 -19.54
C GLY C 252 13.97 -13.63 -18.47
N ILE C 253 13.76 -12.61 -17.64
CA ILE C 253 14.67 -12.27 -16.56
C ILE C 253 13.89 -12.23 -15.26
N ILE C 254 14.50 -12.74 -14.19
CA ILE C 254 13.91 -12.73 -12.86
C ILE C 254 14.86 -11.97 -11.95
N PHE C 255 14.33 -11.02 -11.19
CA PHE C 255 15.14 -10.17 -10.32
C PHE C 255 14.38 -9.89 -9.04
N VAL C 256 15.14 -9.53 -8.01
CA VAL C 256 14.57 -9.16 -6.71
C VAL C 256 15.31 -7.92 -6.21
N ILE C 257 14.56 -7.01 -5.60
CA ILE C 257 15.11 -5.77 -5.06
C ILE C 257 15.23 -5.93 -3.55
N HIS C 258 16.43 -5.69 -3.02
CA HIS C 258 16.70 -5.97 -1.62
C HIS C 258 17.74 -4.99 -1.11
N SER C 259 17.84 -4.90 0.21
CA SER C 259 18.85 -4.05 0.81
C SER C 259 20.24 -4.61 0.53
N PRO C 260 21.24 -3.75 0.41
CA PRO C 260 22.59 -4.26 0.11
C PRO C 260 23.14 -5.18 1.17
N LYS C 261 22.61 -5.13 2.39
CA LYS C 261 23.13 -5.95 3.48
C LYS C 261 22.47 -7.31 3.57
N LYS C 262 21.49 -7.61 2.74
CA LYS C 262 20.74 -8.86 2.80
C LYS C 262 21.05 -9.73 1.60
N VAL C 263 21.20 -11.02 1.84
CA VAL C 263 21.36 -11.99 0.75
C VAL C 263 20.02 -12.13 0.02
N PRO C 264 19.98 -12.04 -1.30
CA PRO C 264 18.69 -12.13 -1.99
C PRO C 264 18.04 -13.48 -1.77
N GLN C 265 16.71 -13.47 -1.70
CA GLN C 265 15.90 -14.68 -1.53
C GLN C 265 14.90 -14.73 -2.68
N PHE C 266 15.25 -15.45 -3.74
CA PHE C 266 14.38 -15.49 -4.91
C PHE C 266 13.14 -16.33 -4.65
N ASP C 267 13.33 -17.63 -4.42
CA ASP C 267 12.20 -18.52 -4.17
C ASP C 267 11.10 -18.25 -5.20
N GLY C 268 9.85 -18.22 -4.75
CA GLY C 268 8.75 -17.82 -5.62
C GLY C 268 8.37 -16.37 -5.45
N LEU C 269 9.33 -15.54 -5.02
CA LEU C 269 9.07 -14.15 -4.67
C LEU C 269 9.67 -13.16 -5.64
N GLY C 270 10.59 -13.57 -6.51
CA GLY C 270 11.24 -12.63 -7.40
C GLY C 270 10.28 -12.06 -8.44
N LEU C 271 10.58 -10.86 -8.89
CA LEU C 271 9.81 -10.24 -9.96
C LEU C 271 10.25 -10.80 -11.31
N LEU C 272 9.39 -10.62 -12.30
CA LEU C 272 9.61 -11.16 -13.63
C LEU C 272 9.56 -10.04 -14.67
N SER C 273 10.20 -10.32 -15.82
CA SER C 273 10.20 -9.39 -16.94
C SER C 273 10.25 -10.21 -18.22
N PRO C 274 9.34 -10.00 -19.16
CA PRO C 274 9.31 -10.82 -20.38
C PRO C 274 10.24 -10.27 -21.46
N VAL C 275 10.49 -11.13 -22.45
CA VAL C 275 11.29 -10.72 -23.60
C VAL C 275 10.39 -9.99 -24.59
N GLY C 276 10.94 -8.98 -25.25
CA GLY C 276 10.18 -8.20 -26.21
C GLY C 276 9.33 -7.11 -25.62
N MET C 277 9.49 -6.80 -24.33
CA MET C 277 8.76 -5.72 -23.70
C MET C 277 9.70 -4.92 -22.81
N HIS C 278 9.38 -3.65 -22.62
CA HIS C 278 10.14 -2.77 -21.75
C HIS C 278 9.35 -2.58 -20.46
N ALA C 279 9.95 -2.93 -19.33
CA ALA C 279 9.29 -2.89 -18.04
C ALA C 279 9.80 -1.70 -17.23
N ARG C 280 8.87 -0.88 -16.76
CA ARG C 280 9.19 0.27 -15.92
C ARG C 280 8.76 -0.03 -14.49
N VAL C 281 9.73 -0.14 -13.60
CA VAL C 281 9.49 -0.48 -12.20
C VAL C 281 9.76 0.76 -11.36
N THR C 282 8.76 1.17 -10.58
CA THR C 282 8.89 2.29 -9.65
C THR C 282 8.84 1.73 -8.24
N ILE C 283 9.85 2.05 -7.44
CA ILE C 283 9.99 1.50 -6.11
C ILE C 283 9.87 2.61 -5.08
N ARG C 284 9.47 2.23 -3.87
CA ARG C 284 9.40 3.13 -2.73
C ARG C 284 9.90 2.38 -1.50
N GLN C 285 10.78 3.02 -0.74
CA GLN C 285 11.29 2.40 0.47
C GLN C 285 10.29 2.54 1.60
N VAL C 286 9.88 1.41 2.17
CA VAL C 286 8.89 1.37 3.26
C VAL C 286 9.58 0.70 4.44
N LYS C 287 9.88 1.48 5.47
CA LYS C 287 10.54 0.98 6.67
C LYS C 287 9.54 0.88 7.81
N THR C 288 9.65 -0.17 8.60
CA THR C 288 8.80 -0.39 9.76
C THR C 288 9.65 -0.76 10.95
N VAL C 289 9.23 -0.33 12.14
CA VAL C 289 9.94 -0.58 13.38
C VAL C 289 9.00 -1.26 14.35
N HIS C 290 9.47 -2.33 14.99
CA HIS C 290 8.68 -3.09 15.93
C HIS C 290 9.28 -2.98 17.33
N GLN C 291 8.42 -2.94 18.34
CA GLN C 291 8.87 -2.88 19.72
C GLN C 291 9.27 -4.27 20.20
N GLU C 292 9.84 -4.32 21.41
CA GLU C 292 10.33 -5.57 21.95
C GLU C 292 9.16 -6.51 22.24
N TYR C 293 9.48 -7.67 22.81
CA TYR C 293 8.51 -8.76 22.91
C TYR C 293 7.21 -8.35 23.60
N PRO C 294 7.22 -7.69 24.76
CA PRO C 294 5.94 -7.38 25.42
C PRO C 294 5.02 -6.54 24.55
N TRP C 295 5.55 -5.60 23.79
CA TRP C 295 4.75 -4.73 22.93
C TRP C 295 4.69 -5.21 21.49
N GLY C 296 5.76 -5.81 20.98
CA GLY C 296 5.79 -6.32 19.63
C GLY C 296 6.39 -7.71 19.57
N GLU C 297 6.65 -8.21 18.38
CA GLU C 297 7.22 -9.54 18.21
C GLU C 297 8.75 -9.53 18.16
N CYS C 298 9.37 -8.37 18.16
CA CYS C 298 10.82 -8.29 18.01
C CYS C 298 11.52 -8.99 19.19
N ASN C 299 12.84 -9.12 19.06
CA ASN C 299 13.68 -9.69 20.10
C ASN C 299 15.12 -9.26 19.85
N PRO C 300 15.51 -8.04 20.23
CA PRO C 300 16.86 -7.58 19.89
C PRO C 300 17.97 -8.43 20.48
N ASN C 301 17.69 -9.26 21.48
CA ASN C 301 18.74 -10.07 22.09
C ASN C 301 19.37 -11.02 21.07
N ILE C 302 18.56 -11.62 20.20
CA ILE C 302 19.08 -12.58 19.24
C ILE C 302 19.97 -11.86 18.23
N LYS C 303 21.14 -12.45 17.96
CA LYS C 303 22.07 -11.93 16.98
C LYS C 303 22.64 -13.10 16.18
N LEU C 304 22.96 -12.83 14.91
CA LEU C 304 23.41 -13.88 14.00
C LEU C 304 24.90 -14.13 14.19
N GLN C 305 25.43 -15.08 13.43
CA GLN C 305 26.84 -15.43 13.52
C GLN C 305 27.70 -14.26 13.10
N ASN C 306 28.87 -14.12 13.74
CA ASN C 306 29.76 -12.98 13.54
C ASN C 306 29.10 -11.67 13.96
N PHE C 307 28.05 -11.76 14.79
CA PHE C 307 27.34 -10.58 15.28
C PHE C 307 26.81 -9.72 14.14
N SER C 308 26.50 -10.35 13.00
CA SER C 308 25.98 -9.61 11.86
C SER C 308 24.57 -9.12 12.14
N SER C 309 24.15 -8.11 11.39
CA SER C 309 22.81 -7.55 11.58
C SER C 309 21.76 -8.63 11.38
N TYR C 310 20.81 -8.69 12.31
CA TYR C 310 19.80 -9.74 12.29
C TYR C 310 18.81 -9.50 11.16
N SER C 311 18.34 -10.60 10.57
CA SER C 311 17.29 -10.56 9.57
C SER C 311 16.57 -11.90 9.57
N THR C 312 15.25 -11.87 9.43
CA THR C 312 14.46 -13.10 9.53
C THR C 312 14.98 -14.15 8.56
N SER C 313 15.22 -13.76 7.31
CA SER C 313 15.75 -14.71 6.34
C SER C 313 17.13 -15.21 6.75
N GLY C 314 17.97 -14.32 7.29
CA GLY C 314 19.28 -14.74 7.74
C GLY C 314 19.21 -15.79 8.84
N CYS C 315 18.27 -15.64 9.78
CA CYS C 315 18.13 -16.63 10.84
C CYS C 315 17.75 -17.98 10.28
N LEU C 316 16.83 -18.01 9.30
CA LEU C 316 16.42 -19.27 8.71
C LEU C 316 17.59 -19.96 8.04
N LYS C 317 18.37 -19.23 7.25
CA LYS C 317 19.53 -19.82 6.60
C LYS C 317 20.54 -20.33 7.63
N GLU C 318 20.80 -19.52 8.67
CA GLU C 318 21.72 -19.95 9.71
C GLU C 318 21.15 -21.13 10.48
N CYS C 319 19.85 -21.11 10.76
CA CYS C 319 19.23 -22.21 11.48
C CYS C 319 19.35 -23.53 10.71
N LYS C 320 19.02 -23.50 9.43
CA LYS C 320 19.10 -24.71 8.61
C LYS C 320 20.53 -25.20 8.52
N ALA C 321 21.48 -24.30 8.32
CA ALA C 321 22.88 -24.70 8.15
C ALA C 321 23.37 -25.44 9.40
N GLN C 322 22.99 -24.97 10.58
CA GLN C 322 23.43 -25.62 11.81
C GLN C 322 22.95 -27.06 11.88
N HIS C 323 21.67 -27.29 11.59
CA HIS C 323 21.13 -28.64 11.68
C HIS C 323 21.82 -29.58 10.69
N ILE C 324 22.03 -29.12 9.45
CA ILE C 324 22.66 -29.97 8.45
C ILE C 324 24.08 -30.32 8.88
N LYS C 325 24.77 -29.38 9.53
CA LYS C 325 26.13 -29.66 9.99
C LYS C 325 26.13 -30.66 11.14
N LYS C 326 25.01 -30.81 11.84
CA LYS C 326 24.94 -31.80 12.91
C LYS C 326 24.77 -33.21 12.33
N GLN C 327 23.69 -33.42 11.59
CA GLN C 327 23.42 -34.74 11.02
C GLN C 327 24.51 -35.15 10.04
N CYS C 328 24.96 -34.21 9.20
CA CYS C 328 26.04 -34.45 8.26
C CYS C 328 27.21 -33.54 8.60
N GLY C 329 28.41 -34.01 8.28
CA GLY C 329 29.62 -33.29 8.64
C GLY C 329 29.97 -32.12 7.75
N CYS C 330 29.17 -31.84 6.72
CA CYS C 330 29.48 -30.78 5.77
C CYS C 330 28.22 -29.95 5.52
N VAL C 331 28.43 -28.73 5.03
CA VAL C 331 27.33 -27.81 4.76
C VAL C 331 27.24 -27.58 3.25
N PRO C 332 26.04 -27.49 2.68
CA PRO C 332 25.93 -27.20 1.25
C PRO C 332 26.52 -25.84 0.89
N PHE C 333 27.03 -25.75 -0.33
CA PHE C 333 27.67 -24.50 -0.78
C PHE C 333 26.68 -23.39 -1.03
N LEU C 334 25.38 -23.66 -0.99
CA LEU C 334 24.37 -22.61 -1.09
C LEU C 334 24.13 -21.92 0.25
N LEU C 335 24.81 -22.37 1.31
CA LEU C 335 24.83 -21.69 2.61
C LEU C 335 26.30 -21.39 2.87
N PRO C 336 26.80 -20.25 2.38
CA PRO C 336 28.25 -20.14 2.15
C PRO C 336 29.11 -20.24 3.41
N GLY C 337 28.87 -19.39 4.40
CA GLY C 337 29.86 -19.11 5.42
C GLY C 337 29.83 -20.06 6.62
N TYR C 338 29.00 -21.11 6.57
CA TYR C 338 28.76 -21.91 7.76
C TYR C 338 29.61 -23.18 7.83
N GLY C 339 30.56 -23.38 6.92
CA GLY C 339 31.47 -24.49 7.04
C GLY C 339 31.90 -25.02 5.69
N ILE C 340 32.24 -26.30 5.69
CA ILE C 340 32.84 -26.96 4.52
C ILE C 340 31.74 -27.39 3.56
N GLU C 341 32.14 -27.61 2.30
CA GLU C 341 31.21 -28.05 1.27
C GLU C 341 31.06 -29.56 1.30
N CYS C 342 29.83 -30.04 1.13
CA CYS C 342 29.55 -31.46 1.14
C CYS C 342 29.84 -32.08 -0.22
N ASP C 343 30.16 -33.37 -0.20
CA ASP C 343 30.39 -34.10 -1.43
C ASP C 343 29.08 -34.24 -2.21
N LEU C 344 29.20 -34.65 -3.47
CA LEU C 344 28.01 -34.86 -4.28
C LEU C 344 27.13 -35.95 -3.71
N GLN C 345 27.75 -37.05 -3.27
CA GLN C 345 26.98 -38.18 -2.77
C GLN C 345 26.23 -37.82 -1.49
N LYS C 346 26.86 -37.03 -0.61
CA LYS C 346 26.23 -36.70 0.66
C LYS C 346 24.96 -35.89 0.49
N TYR C 347 24.76 -35.26 -0.67
CA TYR C 347 23.49 -34.59 -0.92
C TYR C 347 22.34 -35.58 -0.97
N PHE C 348 22.57 -36.72 -1.61
CA PHE C 348 21.51 -37.74 -1.71
C PHE C 348 21.36 -38.50 -0.39
N SER C 349 22.46 -38.77 0.30
CA SER C 349 22.42 -39.65 1.45
C SER C 349 22.10 -38.89 2.73
N CYS C 350 22.81 -37.81 3.00
CA CYS C 350 22.73 -37.11 4.28
C CYS C 350 21.89 -35.85 4.23
N VAL C 351 22.17 -34.94 3.30
CA VAL C 351 21.51 -33.63 3.33
C VAL C 351 20.03 -33.76 2.97
N SER C 352 19.71 -34.55 1.95
CA SER C 352 18.32 -34.60 1.48
C SER C 352 17.36 -35.12 2.53
N PRO C 353 17.61 -36.26 3.18
CA PRO C 353 16.66 -36.71 4.22
C PRO C 353 16.51 -35.73 5.36
N VAL C 354 17.60 -35.05 5.74
CA VAL C 354 17.54 -34.14 6.88
C VAL C 354 16.58 -32.99 6.60
N LEU C 355 16.61 -32.44 5.39
CA LEU C 355 15.75 -31.32 5.07
C LEU C 355 14.28 -31.71 5.22
N ASP C 356 13.92 -32.92 4.78
CA ASP C 356 12.56 -33.39 5.00
C ASP C 356 12.26 -33.49 6.49
N HIS C 357 13.21 -34.00 7.27
CA HIS C 357 13.00 -34.11 8.71
C HIS C 357 12.82 -32.73 9.35
N ILE C 358 13.62 -31.76 8.94
CA ILE C 358 13.52 -30.42 9.52
C ILE C 358 12.14 -29.84 9.24
N GLU C 359 11.69 -29.94 7.99
CA GLU C 359 10.35 -29.46 7.64
C GLU C 359 9.27 -30.26 8.35
N PHE C 360 9.44 -31.58 8.42
CA PHE C 360 8.42 -32.42 9.04
C PHE C 360 8.23 -32.09 10.51
N LYS C 361 9.32 -31.86 11.23
CA LYS C 361 9.26 -31.54 12.66
C LYS C 361 9.09 -30.05 12.93
N ASP C 362 9.10 -29.21 11.91
CA ASP C 362 8.93 -27.78 12.07
C ASP C 362 9.96 -27.21 13.04
N LEU C 363 11.24 -27.42 12.72
CA LEU C 363 12.34 -26.96 13.55
C LEU C 363 12.81 -25.56 13.20
N CYS C 364 12.22 -24.92 12.20
CA CYS C 364 12.64 -23.60 11.73
C CYS C 364 11.44 -22.67 11.61
N THR C 365 10.64 -22.61 12.66
CA THR C 365 9.49 -21.71 12.67
C THR C 365 9.95 -20.26 12.60
N VAL C 366 9.09 -19.40 12.05
CA VAL C 366 9.38 -17.98 11.88
C VAL C 366 8.17 -17.18 12.35
N GLY C 367 8.39 -15.88 12.55
CA GLY C 367 7.31 -14.97 12.89
C GLY C 367 7.29 -14.57 14.35
N THR C 368 6.37 -15.16 15.12
CA THR C 368 6.19 -14.77 16.51
C THR C 368 7.50 -14.86 17.28
N HIS C 369 7.55 -14.15 18.41
CA HIS C 369 8.74 -14.17 19.24
C HIS C 369 9.08 -15.59 19.69
N ASN C 370 8.07 -16.46 19.76
CA ASN C 370 8.33 -17.87 20.04
C ASN C 370 9.19 -18.49 18.97
N SER C 371 9.02 -18.06 17.73
CA SER C 371 9.68 -18.68 16.59
C SER C 371 11.19 -18.64 16.74
N SER C 372 11.85 -19.64 16.16
CA SER C 372 13.31 -19.67 16.16
C SER C 372 13.91 -18.48 15.44
N CYS C 373 13.16 -17.86 14.52
CA CYS C 373 13.62 -16.71 13.76
C CYS C 373 12.57 -15.60 13.88
N PRO C 374 12.55 -14.89 15.00
CA PRO C 374 11.51 -13.88 15.21
C PRO C 374 11.59 -12.77 14.18
N VAL C 375 10.57 -11.91 14.20
CA VAL C 375 10.54 -10.77 13.30
C VAL C 375 11.68 -9.82 13.66
N SER C 376 12.29 -9.23 12.64
CA SER C 376 13.38 -8.29 12.86
C SER C 376 12.85 -7.01 13.48
N CYS C 377 13.72 -6.33 14.23
CA CYS C 377 13.33 -5.07 14.86
C CYS C 377 12.94 -4.04 13.81
N GLU C 378 13.72 -3.94 12.74
CA GLU C 378 13.50 -2.98 11.67
C GLU C 378 13.39 -3.72 10.35
N GLU C 379 12.28 -3.53 9.64
CA GLU C 379 12.03 -4.17 8.36
C GLU C 379 12.05 -3.12 7.26
N ILE C 380 12.84 -3.37 6.21
CA ILE C 380 12.92 -2.49 5.05
C ILE C 380 12.35 -3.25 3.87
N GLU C 381 11.35 -2.65 3.20
CA GLU C 381 10.67 -3.28 2.09
C GLU C 381 10.62 -2.29 0.93
N TYR C 382 10.58 -2.82 -0.28
CA TYR C 382 10.60 -2.02 -1.51
C TYR C 382 9.43 -2.43 -2.39
N PRO C 383 8.21 -2.04 -2.05
CA PRO C 383 7.07 -2.31 -2.93
C PRO C 383 7.29 -1.71 -4.31
N ALA C 384 6.87 -2.44 -5.34
CA ALA C 384 7.10 -2.05 -6.71
C ALA C 384 5.83 -2.17 -7.53
N THR C 385 5.67 -1.28 -8.50
CA THR C 385 4.60 -1.32 -9.48
C THR C 385 5.22 -1.33 -10.87
N ILE C 386 4.75 -2.23 -11.72
CA ILE C 386 5.39 -2.50 -13.00
C ILE C 386 4.41 -2.17 -14.13
N SER C 387 4.91 -1.47 -15.14
CA SER C 387 4.19 -1.20 -16.37
C SER C 387 5.05 -1.65 -17.54
N TYR C 388 4.40 -1.92 -18.67
CA TYR C 388 5.07 -2.52 -19.81
C TYR C 388 4.80 -1.76 -21.09
N SER C 389 5.78 -1.77 -21.99
CA SER C 389 5.62 -1.26 -23.35
C SER C 389 6.31 -2.22 -24.30
N SER C 390 5.82 -2.27 -25.53
CA SER C 390 6.48 -3.06 -26.55
C SER C 390 7.87 -2.52 -26.81
N PHE C 391 8.90 -3.29 -26.44
CA PHE C 391 10.25 -2.75 -26.44
C PHE C 391 10.73 -2.41 -27.84
N PRO C 392 10.82 -3.34 -28.78
CA PRO C 392 11.29 -2.99 -30.12
C PRO C 392 10.19 -2.33 -30.94
N SER C 393 10.33 -1.03 -31.14
CA SER C 393 9.44 -0.32 -32.05
C SER C 393 9.78 -0.68 -33.49
N GLN C 394 8.86 -0.37 -34.40
CA GLN C 394 9.12 -0.64 -35.81
C GLN C 394 10.34 0.14 -36.30
N LYS C 395 10.54 1.35 -35.79
CA LYS C 395 11.72 2.12 -36.13
C LYS C 395 12.96 1.57 -35.43
N ALA C 396 12.82 1.22 -34.14
CA ALA C 396 13.96 0.72 -33.39
C ALA C 396 14.30 -0.71 -33.78
N LEU C 397 13.31 -1.50 -34.20
CA LEU C 397 13.56 -2.90 -34.52
C LEU C 397 14.57 -3.02 -35.65
N LYS C 398 14.45 -2.19 -36.68
CA LYS C 398 15.41 -2.22 -37.77
C LYS C 398 16.71 -1.51 -37.40
N TYR C 399 16.68 -0.62 -36.42
CA TYR C 399 17.92 0.01 -35.97
C TYR C 399 18.77 -0.97 -35.18
N LEU C 400 18.15 -1.71 -34.25
CA LEU C 400 18.89 -2.69 -33.47
C LEU C 400 19.31 -3.87 -34.33
N SER C 401 18.52 -4.22 -35.34
CA SER C 401 18.87 -5.35 -36.19
C SER C 401 20.23 -5.14 -36.85
N LYS C 402 20.47 -3.96 -37.39
CA LYS C 402 21.77 -3.67 -37.98
C LYS C 402 22.85 -3.52 -36.91
N LYS C 403 22.53 -2.84 -35.81
CA LYS C 403 23.53 -2.59 -34.78
C LYS C 403 24.04 -3.89 -34.18
N LEU C 404 23.13 -4.81 -33.87
CA LEU C 404 23.50 -6.09 -33.27
C LEU C 404 23.78 -7.18 -34.28
N ASN C 405 23.56 -6.92 -35.57
CA ASN C 405 23.87 -7.89 -36.63
C ASN C 405 23.09 -9.19 -36.42
N GLN C 406 21.79 -9.07 -36.23
CA GLN C 406 20.92 -10.22 -36.04
C GLN C 406 19.56 -9.95 -36.62
N SER C 407 18.84 -11.02 -36.94
CA SER C 407 17.55 -10.91 -37.60
C SER C 407 16.52 -10.31 -36.65
N ARG C 408 15.47 -9.75 -37.24
CA ARG C 408 14.43 -9.10 -36.44
C ARG C 408 13.70 -10.10 -35.56
N LYS C 409 13.56 -11.34 -36.03
CA LYS C 409 12.95 -12.38 -35.20
C LYS C 409 13.77 -12.62 -33.93
N TYR C 410 15.10 -12.62 -34.06
CA TYR C 410 15.96 -12.81 -32.90
C TYR C 410 15.75 -11.70 -31.88
N ILE C 411 15.65 -10.45 -32.36
CA ILE C 411 15.54 -9.32 -31.45
C ILE C 411 14.26 -9.43 -30.63
N ARG C 412 13.15 -9.78 -31.27
CA ARG C 412 11.87 -9.77 -30.59
C ARG C 412 11.80 -10.86 -29.52
N GLU C 413 12.61 -11.90 -29.64
CA GLU C 413 12.50 -13.06 -28.79
C GLU C 413 13.61 -13.17 -27.74
N ASN C 414 14.56 -12.24 -27.71
CA ASN C 414 15.72 -12.39 -26.84
C ASN C 414 15.96 -11.18 -25.95
N LEU C 415 15.73 -9.98 -26.45
CA LEU C 415 16.09 -8.76 -25.74
C LEU C 415 15.07 -8.46 -24.64
N VAL C 416 15.57 -8.13 -23.46
CA VAL C 416 14.75 -7.70 -22.33
C VAL C 416 15.26 -6.34 -21.88
N LYS C 417 14.34 -5.39 -21.72
CA LYS C 417 14.68 -4.05 -21.26
C LYS C 417 13.96 -3.78 -19.94
N ILE C 418 14.72 -3.33 -18.95
CA ILE C 418 14.19 -3.06 -17.62
C ILE C 418 14.59 -1.66 -17.21
N GLU C 419 13.82 -1.09 -16.30
CA GLU C 419 14.07 0.27 -15.82
C GLU C 419 13.50 0.39 -14.42
N ILE C 420 14.37 0.49 -13.42
CA ILE C 420 13.99 0.57 -12.02
C ILE C 420 14.25 2.00 -11.56
N ASN C 421 13.20 2.67 -11.08
CA ASN C 421 13.27 4.08 -10.72
C ASN C 421 12.68 4.30 -9.34
N TYR C 422 13.06 5.42 -8.74
CA TYR C 422 12.45 5.88 -7.50
C TYR C 422 11.24 6.76 -7.84
N SER C 423 10.12 6.51 -7.17
CA SER C 423 8.96 7.36 -7.32
C SER C 423 9.23 8.72 -6.70
N ASP C 424 8.26 9.62 -6.82
CA ASP C 424 8.39 10.94 -6.20
C ASP C 424 8.32 10.82 -4.68
N LEU C 425 7.21 10.29 -4.16
CA LEU C 425 7.09 10.00 -2.73
C LEU C 425 7.78 8.67 -2.48
N ASN C 426 9.10 8.73 -2.33
CA ASN C 426 9.95 7.55 -2.35
C ASN C 426 10.30 7.02 -0.97
N TYR C 427 9.73 7.58 0.11
CA TYR C 427 10.07 7.17 1.46
C TYR C 427 8.82 7.06 2.30
N LYS C 428 8.90 6.21 3.33
CA LYS C 428 7.79 6.02 4.26
C LYS C 428 8.29 5.22 5.45
N ILE C 429 7.93 5.66 6.66
CA ILE C 429 8.32 5.00 7.89
C ILE C 429 7.06 4.73 8.70
N THR C 430 6.94 3.49 9.21
CA THR C 430 5.89 3.12 10.15
C THR C 430 6.55 2.78 11.48
N GLN C 431 6.15 3.46 12.54
CA GLN C 431 6.75 3.31 13.85
C GLN C 431 5.72 2.74 14.82
N GLN C 432 6.12 1.72 15.58
CA GLN C 432 5.32 1.24 16.69
C GLN C 432 5.83 1.88 17.97
N GLN C 433 4.91 2.46 18.75
CA GLN C 433 5.28 3.26 19.90
C GLN C 433 4.64 2.68 21.15
N LYS C 434 5.38 2.72 22.26
CA LYS C 434 4.85 2.28 23.54
C LYS C 434 3.86 3.31 24.05
N ALA C 435 2.58 3.11 23.74
CA ALA C 435 1.54 4.09 24.03
C ALA C 435 1.72 4.75 25.38
N VAL C 436 1.87 3.94 26.43
CA VAL C 436 1.98 4.43 27.80
C VAL C 436 3.21 3.83 28.44
N SER C 437 4.08 4.69 28.98
CA SER C 437 5.20 4.27 29.80
C SER C 437 4.84 4.43 31.28
N VAL C 438 5.79 4.08 32.15
CA VAL C 438 5.53 4.17 33.58
C VAL C 438 5.22 5.60 33.98
N SER C 439 5.91 6.57 33.39
CA SER C 439 5.61 7.96 33.66
C SER C 439 4.20 8.33 33.19
N GLU C 440 3.81 7.82 32.01
CA GLU C 440 2.47 8.10 31.49
C GLU C 440 1.39 7.50 32.39
N LEU C 441 1.59 6.26 32.86
CA LEU C 441 0.61 5.64 33.74
C LEU C 441 0.47 6.41 35.04
N LEU C 442 1.59 6.86 35.61
CA LEU C 442 1.55 7.53 36.91
C LEU C 442 0.74 8.82 36.88
N ALA C 443 0.46 9.37 35.70
CA ALA C 443 -0.41 10.52 35.58
C ALA C 443 -1.88 10.12 35.63
N ASP C 444 -2.24 9.06 34.89
CA ASP C 444 -3.63 8.61 34.87
C ASP C 444 -4.10 8.17 36.25
N LEU C 445 -3.27 7.41 36.96
CA LEU C 445 -3.64 7.00 38.30
C LEU C 445 -3.77 8.20 39.23
N GLY C 446 -2.98 9.25 38.98
CA GLY C 446 -3.11 10.46 39.78
C GLY C 446 -4.43 11.17 39.55
N GLY C 447 -4.87 11.23 38.30
CA GLY C 447 -6.13 11.90 38.01
C GLY C 447 -7.32 11.21 38.62
N GLN C 448 -7.39 9.89 38.48
CA GLN C 448 -8.52 9.15 39.03
C GLN C 448 -8.55 9.24 40.55
N LEU C 449 -7.40 8.98 41.19
CA LEU C 449 -7.35 9.05 42.65
C LEU C 449 -7.70 10.44 43.16
N GLY C 450 -7.16 11.48 42.51
CA GLY C 450 -7.47 12.84 42.92
C GLY C 450 -8.92 13.22 42.63
N LEU C 451 -9.44 12.79 41.48
CA LEU C 451 -10.76 13.22 41.06
C LEU C 451 -11.83 12.78 42.07
N PHE C 452 -11.85 11.49 42.39
CA PHE C 452 -12.94 10.93 43.19
C PHE C 452 -12.73 11.11 44.68
N CYS C 453 -11.49 11.24 45.14
CA CYS C 453 -11.19 11.38 46.55
C CYS C 453 -10.20 12.48 46.87
N GLY C 454 -9.52 13.05 45.88
CA GLY C 454 -8.54 14.09 46.14
C GLY C 454 -7.39 13.60 46.98
N ALA C 455 -7.18 12.29 47.01
CA ALA C 455 -6.12 11.70 47.81
C ALA C 455 -4.78 11.80 47.10
N SER C 456 -3.74 11.35 47.79
CA SER C 456 -2.39 11.33 47.25
C SER C 456 -1.61 10.25 47.97
N LEU C 457 -0.46 9.89 47.40
CA LEU C 457 0.37 8.86 48.01
C LEU C 457 0.70 9.20 49.46
N ILE C 458 0.78 10.50 49.78
CA ILE C 458 0.96 10.90 51.16
C ILE C 458 -0.29 10.59 51.96
N THR C 459 -1.46 10.76 51.36
CA THR C 459 -2.71 10.44 52.05
C THR C 459 -2.78 8.96 52.41
N ILE C 460 -2.32 8.09 51.51
CA ILE C 460 -2.34 6.66 51.78
C ILE C 460 -1.45 6.34 52.97
N ILE C 461 -0.26 6.96 53.03
CA ILE C 461 0.64 6.72 54.15
C ILE C 461 -0.01 7.16 55.45
N GLU C 462 -0.74 8.28 55.43
CA GLU C 462 -1.42 8.74 56.64
C GLU C 462 -2.43 7.70 57.12
N ILE C 463 -3.19 7.12 56.19
CA ILE C 463 -4.16 6.09 56.57
C ILE C 463 -3.45 4.89 57.17
N ILE C 464 -2.36 4.45 56.54
CA ILE C 464 -1.64 3.28 57.04
C ILE C 464 -1.13 3.53 58.45
N GLU C 465 -0.55 4.71 58.68
CA GLU C 465 -0.06 5.04 60.03
C GLU C 465 -1.22 5.08 61.02
N TYR C 466 -2.36 5.66 60.62
CA TYR C 466 -3.51 5.69 61.50
C TYR C 466 -4.00 4.29 61.84
N LEU C 467 -4.03 3.40 60.84
CA LEU C 467 -4.44 2.03 61.10
C LEU C 467 -3.45 1.32 62.02
N PHE C 468 -2.15 1.57 61.83
CA PHE C 468 -1.15 0.93 62.69
C PHE C 468 -1.35 1.32 64.15
N THR C 469 -1.61 2.60 64.42
CA THR C 469 -1.86 3.02 65.79
C THR C 469 -3.10 2.33 66.35
N ASN C 470 -4.15 2.21 65.54
CA ASN C 470 -5.35 1.51 66.00
C ASN C 470 -5.04 0.06 66.33
N PHE C 471 -4.25 -0.60 65.50
CA PHE C 471 -3.88 -1.99 65.73
C PHE C 471 -3.06 -2.14 67.01
#